data_7ZSJ
#
_entry.id   7ZSJ
#
_cell.length_a   82.260
_cell.length_b   82.260
_cell.length_c   86.250
_cell.angle_alpha   90.000
_cell.angle_beta   90.000
_cell.angle_gamma   120.000
#
_symmetry.space_group_name_H-M   'P 32 2 1'
#
loop_
_entity.id
_entity.type
_entity.pdbx_description
1 polymer 'Orange carotenoid-binding protein'
2 non-polymer "beta,beta-carotene-4,4'-dione"
3 non-polymer GLYCEROL
4 non-polymer 'ACETATE ION'
5 non-polymer 'CHLORIDE ION'
6 water water
#
_entity_poly.entity_id   1
_entity_poly.type   'polypeptide(L)'
_entity_poly.pdbx_seq_one_letter_code
;MGSSHHHHHHMPFTIDSARGIFPNTLAADVVPATIARFSQLNAEDQLALIWFAYLEMGKTLTIAAPGAASMQLAENALKE
IQAMGPLQQTQAMCDLANRADTPLCRTYASWSPNIKLGFWYRLGELMEQGFVAPIPAGYQLSANANAVLATIQGLESGQQ
ITVLRNAVVDMGFTAGKDGKRIAEPVVPPQDTASRTKVSIEGVTNATVLNYMDNLNANDFDTLIELFTSDGALQPPFQRP
IVGKENVLRFFREECQNLKLIPERGVTEPAEDGFTQIKVTGKVQTPWFGGNVGMNIAWRFLLNPEGKIFFVAIDLLASPK
ELLNFAR
;
_entity_poly.pdbx_strand_id   1
#
loop_
_chem_comp.id
_chem_comp.type
_chem_comp.name
_chem_comp.formula
45D non-polymer beta,beta-carotene-4,4'-dione 'C40 H52 O2'
ACT non-polymer 'ACETATE ION' 'C2 H3 O2 -1'
CL non-polymer 'CHLORIDE ION' 'Cl -1'
GOL non-polymer GLYCEROL 'C3 H8 O3'
#
# COMPACT_ATOMS: atom_id res chain seq x y z
N PRO A 12 -6.04 11.69 -23.13
N PRO A 12 -5.98 11.64 -23.17
CA PRO A 12 -6.24 10.37 -23.76
CA PRO A 12 -6.10 10.35 -23.86
C PRO A 12 -5.05 9.94 -24.61
C PRO A 12 -4.90 10.01 -24.74
N PHE A 13 -3.95 10.70 -24.51
N PHE A 13 -3.88 10.87 -24.74
CA PHE A 13 -2.79 10.46 -25.36
CA PHE A 13 -2.72 10.65 -25.60
C PHE A 13 -1.83 9.51 -24.66
C PHE A 13 -1.66 9.85 -24.84
N THR A 14 -1.03 10.10 -23.77
N THR A 14 -1.18 10.39 -23.71
CA THR A 14 0.03 9.39 -23.09
CA THR A 14 -0.15 9.70 -22.95
C THR A 14 -0.51 8.87 -21.76
C THR A 14 -0.62 9.30 -21.56
N ILE A 15 0.22 7.93 -21.15
N ILE A 15 -0.07 8.19 -21.06
CA ILE A 15 -0.13 7.50 -19.80
CA ILE A 15 -0.29 7.83 -19.66
C ILE A 15 0.13 8.67 -18.85
C ILE A 15 0.10 9.02 -18.77
N ASP A 16 1.30 9.31 -19.01
N ASP A 16 1.27 9.63 -19.04
CA ASP A 16 1.76 10.30 -18.04
CA ASP A 16 1.76 10.61 -18.08
C ASP A 16 0.90 11.56 -18.09
C ASP A 16 0.86 11.84 -18.06
N SER A 17 0.25 11.83 -19.23
N SER A 17 0.28 12.19 -19.20
CA SER A 17 -0.64 12.97 -19.28
CA SER A 17 -0.60 13.36 -19.20
C SER A 17 -1.99 12.65 -18.63
C SER A 17 -1.94 13.05 -18.52
N ALA A 18 -2.46 11.41 -18.84
N ALA A 18 -2.40 11.80 -18.62
CA ALA A 18 -3.73 10.96 -18.29
CA ALA A 18 -3.67 11.40 -18.00
C ALA A 18 -3.74 11.09 -16.77
C ALA A 18 -3.61 11.55 -16.48
N ARG A 19 -2.53 11.11 -16.20
N ARG A 19 -2.38 11.64 -15.96
CA ARG A 19 -2.37 11.35 -14.77
CA ARG A 19 -2.22 11.77 -14.53
C ARG A 19 -3.16 12.60 -14.38
C ARG A 19 -2.94 13.05 -14.07
N GLY A 20 -3.43 13.47 -15.35
N GLY A 20 -3.24 13.97 -15.01
CA GLY A 20 -3.89 14.82 -15.06
CA GLY A 20 -3.73 15.29 -14.67
C GLY A 20 -5.42 14.90 -15.06
C GLY A 20 -5.26 15.39 -14.63
N ILE A 21 -6.09 13.75 -15.17
N ILE A 21 -5.96 14.30 -14.94
CA ILE A 21 -7.55 13.81 -15.25
CA ILE A 21 -7.42 14.37 -14.98
C ILE A 21 -8.14 14.07 -13.86
C ILE A 21 -7.97 14.66 -13.58
N PHE A 22 -9.16 14.90 -13.79
N PHE A 22 -9.13 15.31 -13.54
CA PHE A 22 -9.73 15.33 -12.52
CA PHE A 22 -9.75 15.71 -12.27
C PHE A 22 -8.63 15.91 -11.63
C PHE A 22 -8.75 16.42 -11.35
N PRO A 23 -8.05 17.07 -12.02
N PRO A 23 -8.15 17.58 -11.76
CA PRO A 23 -7.03 17.82 -11.24
CA PRO A 23 -7.11 18.23 -10.94
C PRO A 23 -7.47 18.56 -9.97
C PRO A 23 -7.57 18.95 -9.66
N ASN A 24 -8.77 18.56 -9.69
N ASN A 24 -8.88 18.97 -9.51
CA ASN A 24 -9.30 19.17 -8.48
CA ASN A 24 -9.53 19.39 -8.27
C ASN A 24 -9.24 18.15 -7.33
C ASN A 24 -9.30 18.39 -7.13
N THR A 25 -8.90 16.89 -7.64
N THR A 25 -8.92 17.14 -7.40
CA THR A 25 -8.95 15.81 -6.66
CA THR A 25 -8.91 16.08 -6.39
C THR A 25 -7.91 16.14 -5.59
C THR A 25 -7.77 16.39 -5.42
N LEU A 26 -8.31 16.34 -4.33
N LEU A 26 -8.05 16.66 -4.14
CA LEU A 26 -7.26 16.65 -3.37
CA LEU A 26 -6.95 16.98 -3.22
C LEU A 26 -6.80 15.38 -2.65
C LEU A 26 -6.51 15.69 -2.54
N ALA A 27 -5.70 14.87 -3.20
N ALA A 27 -5.34 15.20 -3.01
CA ALA A 27 -5.00 13.73 -2.65
CA ALA A 27 -4.78 13.96 -2.50
C ALA A 27 -4.32 14.15 -1.35
C ALA A 27 -4.06 14.31 -1.21
N ALA A 28 -4.12 13.15 -0.50
N ALA A 28 -3.92 13.27 -0.36
CA ALA A 28 -3.49 13.36 0.80
CA ALA A 28 -3.25 13.39 0.92
C ALA A 28 -1.97 13.40 0.66
C ALA A 28 -1.72 13.41 0.78
N ASP A 29 -1.45 14.52 0.12
N ASP A 29 -1.20 14.46 0.12
CA ASP A 29 -0.03 14.58 -0.15
CA ASP A 29 0.23 14.48 -0.11
C ASP A 29 0.79 14.77 1.13
C ASP A 29 1.04 14.74 1.16
N VAL A 30 0.09 14.89 2.26
N VAL A 30 0.35 14.91 2.30
CA VAL A 30 0.79 14.89 3.54
CA VAL A 30 1.04 14.85 3.59
C VAL A 30 1.45 13.51 3.75
C VAL A 30 1.71 13.48 3.80
N VAL A 31 0.95 12.46 3.08
N VAL A 31 1.18 12.43 3.16
CA VAL A 31 1.54 11.14 3.27
CA VAL A 31 1.75 11.10 3.33
C VAL A 31 2.96 11.07 2.68
C VAL A 31 3.16 11.04 2.73
N PRO A 32 3.17 11.35 1.37
N PRO A 32 3.36 11.34 1.40
CA PRO A 32 4.53 11.42 0.83
CA PRO A 32 4.72 11.35 0.88
C PRO A 32 5.42 12.49 1.47
C PRO A 32 5.60 12.44 1.46
N ALA A 33 4.84 13.63 1.90
N ALA A 33 5.00 13.58 1.85
CA ALA A 33 5.64 14.63 2.60
CA ALA A 33 5.75 14.61 2.57
C ALA A 33 6.22 14.09 3.91
C ALA A 33 6.37 14.02 3.84
N THR A 34 5.38 13.38 4.67
N THR A 34 5.51 13.33 4.61
CA THR A 34 5.75 12.88 5.99
CA THR A 34 5.91 12.77 5.90
C THR A 34 6.82 11.78 5.85
C THR A 34 6.93 11.63 5.71
N ILE A 35 6.63 10.92 4.84
N ILE A 35 6.75 10.81 4.67
CA ILE A 35 7.57 9.85 4.50
CA ILE A 35 7.75 9.80 4.37
C ILE A 35 8.91 10.45 4.13
C ILE A 35 9.10 10.44 4.03
N ALA A 36 8.89 11.59 3.42
N ALA A 36 9.06 11.50 3.22
CA ALA A 36 10.14 12.24 3.06
CA ALA A 36 10.30 12.17 2.92
C ALA A 36 10.87 12.75 4.29
C ALA A 36 11.00 12.73 4.14
N ARG A 37 10.13 13.31 5.25
N ARG A 37 10.25 13.32 5.09
CA ARG A 37 10.74 13.79 6.48
CA ARG A 37 10.86 13.78 6.31
C ARG A 37 11.31 12.60 7.26
C ARG A 37 11.43 12.59 7.12
N PHE A 38 10.56 11.48 7.25
N PHE A 38 10.62 11.55 7.25
CA PHE A 38 10.93 10.26 7.96
CA PHE A 38 11.00 10.37 8.02
C PHE A 38 12.30 9.82 7.49
C PHE A 38 12.31 9.81 7.46
N SER A 39 12.48 9.85 6.16
N SER A 39 12.42 9.82 6.12
CA SER A 39 13.65 9.30 5.50
CA SER A 39 13.52 9.15 5.42
C SER A 39 14.93 10.09 5.84
C SER A 39 14.85 9.86 5.68
N GLN A 40 14.82 11.34 6.32
N GLN A 40 14.80 11.14 6.05
CA GLN A 40 15.99 12.16 6.64
CA GLN A 40 15.95 11.94 6.40
C GLN A 40 16.57 11.81 8.01
C GLN A 40 16.57 11.50 7.71
N LEU A 41 15.75 11.21 8.88
N LEU A 41 15.77 10.88 8.61
CA LEU A 41 16.13 10.95 10.25
CA LEU A 41 16.19 10.73 9.99
C LEU A 41 17.24 9.90 10.28
C LEU A 41 17.30 9.70 10.10
N ASN A 42 17.94 9.91 11.38
N ASN A 42 18.05 9.86 11.16
CA ASN A 42 18.96 8.89 11.60
CA ASN A 42 18.97 8.83 11.63
C ASN A 42 18.27 7.54 11.80
C ASN A 42 18.25 7.48 11.72
N ALA A 43 18.96 6.44 11.42
N ALA A 43 18.94 6.39 11.31
CA ALA A 43 18.27 5.16 11.34
CA ALA A 43 18.25 5.11 11.23
C ALA A 43 17.68 4.73 12.68
C ALA A 43 17.71 4.67 12.60
N GLU A 44 18.42 4.98 13.77
N GLU A 44 18.51 4.83 13.67
CA GLU A 44 17.95 4.56 15.09
CA GLU A 44 17.99 4.45 14.97
C GLU A 44 16.67 5.32 15.48
C GLU A 44 16.71 5.21 15.36
N ASP A 45 16.58 6.60 15.11
N ASP A 45 16.62 6.49 14.96
CA ASP A 45 15.40 7.39 15.37
CA ASP A 45 15.41 7.28 15.18
C ASP A 45 14.23 6.94 14.54
C ASP A 45 14.28 6.82 14.29
N GLN A 46 14.50 6.46 13.32
N GLN A 46 14.58 6.39 13.06
CA GLN A 46 13.46 5.89 12.49
CA GLN A 46 13.56 5.78 12.23
C GLN A 46 12.89 4.62 13.13
C GLN A 46 12.93 4.59 12.94
N LEU A 47 13.79 3.75 13.63
N LEU A 47 13.81 3.70 13.47
CA LEU A 47 13.29 2.52 14.23
CA LEU A 47 13.29 2.52 14.16
C LEU A 47 12.48 2.86 15.48
C LEU A 47 12.51 2.93 15.41
N ALA A 48 13.02 3.79 16.28
N ALA A 48 13.03 3.83 16.23
CA ALA A 48 12.38 4.12 17.54
CA ALA A 48 12.35 4.21 17.46
C ALA A 48 11.04 4.80 17.27
C ALA A 48 11.01 4.88 17.17
N LEU A 49 10.99 5.61 16.20
N LEU A 49 11.02 5.77 16.16
CA LEU A 49 9.77 6.32 15.86
CA LEU A 49 9.79 6.47 15.84
C LEU A 49 8.66 5.32 15.50
C LEU A 49 8.69 5.46 15.48
N ILE A 50 8.96 4.36 14.64
N ILE A 50 9.01 4.51 14.61
CA ILE A 50 7.90 3.44 14.26
CA ILE A 50 7.98 3.57 14.20
C ILE A 50 7.51 2.56 15.46
C ILE A 50 7.58 2.72 15.42
N TRP A 51 8.46 2.29 16.35
N TRP A 51 8.56 2.35 16.28
CA TRP A 51 8.14 1.50 17.53
CA TRP A 51 8.20 1.56 17.46
C TRP A 51 7.09 2.23 18.37
C TRP A 51 7.19 2.35 18.31
N PHE A 52 7.27 3.54 18.61
N PHE A 52 7.50 3.63 18.53
CA PHE A 52 6.34 4.32 19.41
CA PHE A 52 6.61 4.49 19.27
C PHE A 52 4.98 4.40 18.70
C PHE A 52 5.22 4.55 18.60
N ALA A 53 5.04 4.54 17.37
N ALA A 53 5.16 4.77 17.27
CA ALA A 53 3.84 4.66 16.59
CA ALA A 53 3.90 4.93 16.57
C ALA A 53 3.04 3.37 16.73
C ALA A 53 3.09 3.63 16.63
N TYR A 54 3.75 2.25 16.57
N TYR A 54 3.79 2.50 16.46
CA TYR A 54 3.15 0.91 16.58
CA TYR A 54 3.20 1.16 16.50
C TYR A 54 2.55 0.64 17.94
C TYR A 54 2.58 0.89 17.87
N LEU A 55 3.27 1.04 18.98
N LEU A 55 3.34 1.15 18.93
CA LEU A 55 2.76 0.78 20.31
CA LEU A 55 2.79 0.89 20.26
C LEU A 55 1.48 1.57 20.58
C LEU A 55 1.56 1.73 20.50
N GLU A 56 1.40 2.85 20.20
N GLU A 56 1.62 3.03 20.16
CA GLU A 56 0.26 3.69 20.56
CA GLU A 56 0.52 3.91 20.45
C GLU A 56 -0.91 3.46 19.61
C GLU A 56 -0.71 3.46 19.65
N MET A 57 -0.58 2.90 18.44
N MET A 57 -0.52 3.24 18.35
CA MET A 57 -1.60 2.62 17.46
CA MET A 57 -1.61 2.79 17.48
C MET A 57 -2.34 1.34 17.78
C MET A 57 -2.25 1.51 18.03
N GLY A 58 -2.85 0.66 18.85
N GLY A 58 -1.43 0.58 18.50
CA GLY A 58 -2.63 -0.80 18.92
CA GLY A 58 -1.85 -0.73 19.01
C GLY A 58 -3.11 -0.96 20.35
C GLY A 58 -2.82 -0.61 20.19
N LYS A 59 -3.14 0.19 21.01
N LYS A 59 -2.86 0.57 20.82
CA LYS A 59 -4.11 0.41 22.07
CA LYS A 59 -3.81 0.76 21.92
C LYS A 59 -5.53 0.39 21.48
C LYS A 59 -5.26 0.74 21.42
N THR A 60 -5.68 0.79 20.22
N THR A 60 -5.50 1.14 20.16
CA THR A 60 -7.02 0.92 19.65
CA THR A 60 -6.86 1.24 19.64
C THR A 60 -7.18 0.10 18.36
C THR A 60 -7.05 0.43 18.35
N LEU A 61 -6.05 -0.33 17.76
N LEU A 61 -5.97 -0.11 17.78
CA LEU A 61 -6.09 -0.97 16.45
CA LEU A 61 -6.07 -0.75 16.48
C LEU A 61 -5.23 -2.24 16.52
C LEU A 61 -5.11 -1.94 16.45
N THR A 62 -5.81 -3.38 16.12
N THR A 62 -5.67 -3.14 16.21
CA THR A 62 -5.03 -4.61 16.10
CA THR A 62 -4.87 -4.36 16.19
C THR A 62 -4.68 -4.98 14.66
C THR A 62 -4.57 -4.73 14.74
N ILE A 63 -3.41 -5.30 14.40
N ILE A 63 -3.29 -4.95 14.42
CA ILE A 63 -3.00 -5.76 13.09
CA ILE A 63 -2.84 -5.46 13.14
C ILE A 63 -3.44 -7.23 12.96
C ILE A 63 -3.26 -6.93 13.05
N ALA A 64 -3.98 -7.56 11.78
N ALA A 64 -3.89 -7.31 11.93
CA ALA A 64 -4.27 -8.93 11.44
CA ALA A 64 -4.13 -8.71 11.60
C ALA A 64 -2.97 -9.75 11.38
C ALA A 64 -2.84 -9.52 11.55
N ALA A 65 -3.09 -11.03 11.70
N ALA A 65 -2.98 -10.79 11.92
CA ALA A 65 -1.90 -11.87 11.68
CA ALA A 65 -1.79 -11.62 11.88
C ALA A 65 -1.42 -12.10 10.25
C ALA A 65 -1.33 -11.83 10.44
N PRO A 66 -0.10 -12.14 10.02
N PRO A 66 -0.01 -11.87 10.20
CA PRO A 66 0.44 -12.54 8.72
CA PRO A 66 0.53 -12.24 8.89
C PRO A 66 -0.04 -13.93 8.33
C PRO A 66 0.09 -13.65 8.52
N GLY A 67 -0.20 -14.14 7.02
N GLY A 67 -0.13 -13.88 7.23
CA GLY A 67 -0.54 -15.46 6.49
CA GLY A 67 -0.51 -15.21 6.77
C GLY A 67 0.56 -16.48 6.73
C GLY A 67 0.61 -16.24 6.96
N ALA A 68 0.16 -17.76 6.77
N ALA A 68 0.20 -17.52 6.97
CA ALA A 68 1.11 -18.83 7.02
CA ALA A 68 1.15 -18.61 7.18
C ALA A 68 2.20 -18.85 5.96
C ALA A 68 2.24 -18.67 6.10
N ALA A 69 1.80 -18.67 4.70
N ALA A 69 1.85 -18.48 4.83
CA ALA A 69 2.76 -18.74 3.61
CA ALA A 69 2.78 -18.52 3.71
C ALA A 69 3.81 -17.65 3.76
C ALA A 69 3.84 -17.43 3.85
N SER A 70 3.34 -16.46 4.15
N SER A 70 3.37 -16.22 4.12
CA SER A 70 4.23 -15.31 4.28
CA SER A 70 4.25 -15.07 4.32
C SER A 70 5.25 -15.54 5.39
C SER A 70 5.27 -15.37 5.40
N MET A 71 4.78 -16.03 6.54
N MET A 71 4.80 -15.86 6.55
CA MET A 71 5.68 -16.23 7.66
CA MET A 71 5.70 -16.13 7.65
C MET A 71 6.69 -17.33 7.36
C MET A 71 6.74 -17.16 7.27
N GLN A 72 6.30 -18.31 6.55
N GLN A 72 6.34 -18.18 6.49
CA GLN A 72 7.24 -19.34 6.14
CA GLN A 72 7.31 -19.18 6.07
C GLN A 72 8.33 -18.71 5.29
C GLN A 72 8.38 -18.53 5.20
N LEU A 73 7.96 -17.78 4.42
N LEU A 73 7.97 -17.62 4.30
CA LEU A 73 8.92 -17.25 3.47
CA LEU A 73 8.93 -17.04 3.36
C LEU A 73 9.93 -16.35 4.17
C LEU A 73 9.93 -16.13 4.07
N ALA A 74 9.48 -15.68 5.24
N ALA A 74 9.50 -15.46 5.16
CA ALA A 74 10.30 -14.73 5.97
CA ALA A 74 10.39 -14.60 5.93
C ALA A 74 11.06 -15.41 7.12
C ALA A 74 11.18 -15.36 7.00
N GLU A 75 10.81 -16.70 7.36
N GLU A 75 10.86 -16.65 7.23
CA GLU A 75 11.26 -17.31 8.60
CA GLU A 75 11.30 -17.38 8.42
C GLU A 75 12.79 -17.38 8.69
C GLU A 75 12.83 -17.42 8.52
N ASN A 76 13.48 -17.68 7.58
N ASN A 76 13.49 -17.73 7.40
CA ASN A 76 14.91 -17.85 7.68
CA ASN A 76 14.92 -17.88 7.46
C ASN A 76 15.60 -16.54 8.04
C ASN A 76 15.57 -16.56 7.93
N ALA A 77 15.04 -15.41 7.57
N ALA A 77 15.12 -15.43 7.32
CA ALA A 77 15.64 -14.11 7.83
CA ALA A 77 15.71 -14.14 7.64
C ALA A 77 15.37 -13.71 9.27
C ALA A 77 15.44 -13.78 9.08
N LEU A 78 14.17 -14.03 9.74
N LEU A 78 14.21 -14.07 9.53
CA LEU A 78 13.81 -13.69 11.11
CA LEU A 78 13.85 -13.81 10.91
C LEU A 78 14.74 -14.43 12.07
C LEU A 78 14.73 -14.62 11.85
N LYS A 79 14.95 -15.73 11.79
N LYS A 79 14.89 -15.91 11.55
CA LYS A 79 15.77 -16.55 12.66
CA LYS A 79 15.70 -16.75 12.42
C LYS A 79 17.21 -16.02 12.68
C LYS A 79 17.14 -16.26 12.50
N GLU A 80 17.66 -15.47 11.55
N GLU A 80 17.69 -15.78 11.38
CA GLU A 80 18.98 -14.89 11.48
CA GLU A 80 19.03 -15.24 11.32
C GLU A 80 19.07 -13.69 12.43
C GLU A 80 19.19 -14.05 12.28
N ILE A 81 18.14 -12.73 12.31
N ILE A 81 18.21 -13.13 12.29
CA ILE A 81 18.16 -11.63 13.25
CA ILE A 81 18.28 -12.00 13.19
C ILE A 81 18.08 -12.18 14.67
C ILE A 81 18.15 -12.47 14.64
N GLN A 82 17.19 -13.16 14.88
N GLN A 82 17.25 -13.43 14.86
CA GLN A 82 16.92 -13.59 16.24
CA GLN A 82 16.97 -13.82 16.24
C GLN A 82 18.16 -14.19 16.91
C GLN A 82 18.19 -14.51 16.86
N ALA A 83 19.10 -14.69 16.10
N ALA A 83 19.08 -15.04 16.01
CA ALA A 83 20.25 -15.42 16.62
CA ALA A 83 20.26 -15.79 16.43
C ALA A 83 21.41 -14.47 16.92
C ALA A 83 21.43 -14.85 16.68
N MET A 84 21.28 -13.21 16.55
N MET A 84 21.29 -13.59 16.23
CA MET A 84 22.33 -12.24 16.79
CA MET A 84 22.33 -12.60 16.47
C MET A 84 22.26 -11.75 18.23
C MET A 84 22.35 -12.17 17.91
N GLY A 85 23.36 -11.18 18.73
N GLY A 85 23.55 -11.75 18.34
CA GLY A 85 23.34 -10.39 19.96
CA GLY A 85 23.72 -10.98 19.56
C GLY A 85 22.71 -9.02 19.73
C GLY A 85 22.95 -9.66 19.47
N PRO A 86 22.29 -8.29 20.80
N PRO A 86 22.57 -9.04 20.61
CA PRO A 86 21.51 -7.07 20.63
CA PRO A 86 21.71 -7.86 20.58
C PRO A 86 22.24 -6.02 19.79
C PRO A 86 22.29 -6.73 19.73
N LEU A 87 23.57 -5.91 19.96
N LEU A 87 23.62 -6.52 19.79
CA LEU A 87 24.30 -4.93 19.18
CA LEU A 87 24.18 -5.35 19.12
C LEU A 87 24.23 -5.25 17.70
C LEU A 87 24.08 -5.53 17.62
N GLN A 88 24.21 -6.55 17.34
N GLN A 88 24.32 -6.76 17.16
CA GLN A 88 24.19 -6.94 15.94
CA GLN A 88 24.18 -7.15 15.78
C GLN A 88 22.78 -6.84 15.36
C GLN A 88 22.71 -7.09 15.36
N GLN A 89 21.78 -7.11 16.23
N GLN A 89 21.77 -7.45 16.26
CA GLN A 89 20.37 -6.92 15.89
CA GLN A 89 20.35 -7.34 15.93
C GLN A 89 20.13 -5.46 15.51
C GLN A 89 20.06 -5.88 15.57
N THR A 90 20.68 -4.56 16.32
N THR A 90 20.53 -4.96 16.45
CA THR A 90 20.47 -3.15 16.09
CA THR A 90 20.20 -3.56 16.24
C THR A 90 21.07 -2.78 14.73
C THR A 90 20.88 -3.07 14.96
N GLN A 91 22.28 -3.27 14.47
N GLN A 91 22.13 -3.51 14.73
CA GLN A 91 22.95 -2.96 13.22
CA GLN A 91 22.83 -3.19 13.48
C GLN A 91 22.20 -3.51 12.00
C GLN A 91 22.06 -3.64 12.25
N ALA A 92 21.70 -4.74 12.10
N ALA A 92 21.47 -4.85 12.30
CA ALA A 92 20.98 -5.34 10.98
CA ALA A 92 20.74 -5.43 11.18
C ALA A 92 19.70 -4.54 10.70
C ALA A 92 19.52 -4.57 10.86
N MET A 93 19.03 -4.11 11.76
N MET A 93 18.81 -4.19 11.93
CA MET A 93 17.80 -3.38 11.57
CA MET A 93 17.63 -3.37 11.74
C MET A 93 18.11 -1.95 11.09
C MET A 93 18.02 -2.01 11.17
N CYS A 94 19.28 -1.43 11.50
N CYS A 94 19.12 -1.43 11.69
CA CYS A 94 19.69 -0.12 10.98
CA CYS A 94 19.62 -0.17 11.13
C CYS A 94 20.06 -0.27 9.52
C CYS A 94 19.99 -0.33 9.65
N ASP A 95 20.68 -1.40 9.18
N ASP A 95 20.61 -1.47 9.27
CA ASP A 95 21.05 -1.67 7.80
CA ASP A 95 20.98 -1.72 7.89
C ASP A 95 19.80 -1.54 6.94
C ASP A 95 19.74 -1.60 7.00
N LEU A 96 18.72 -2.20 7.38
N LEU A 96 18.64 -2.22 7.45
CA LEU A 96 17.46 -2.16 6.64
CA LEU A 96 17.40 -2.20 6.68
C LEU A 96 17.00 -0.70 6.46
C LEU A 96 16.94 -0.74 6.52
N ALA A 97 16.96 0.05 7.56
N ALA A 97 16.90 -0.01 7.64
CA ALA A 97 16.47 1.42 7.50
CA ALA A 97 16.40 1.37 7.62
C ALA A 97 17.33 2.28 6.56
C ALA A 97 17.31 2.27 6.76
N ASN A 98 18.65 2.04 6.54
N ASN A 98 18.63 2.07 6.84
CA ASN A 98 19.61 2.85 5.81
CA ASN A 98 19.59 2.85 6.04
C ASN A 98 19.68 2.44 4.34
C ASN A 98 19.61 2.43 4.58
N ARG A 99 19.03 1.33 4.00
N ARG A 99 18.97 1.33 4.18
CA ARG A 99 19.04 0.81 2.64
CA ARG A 99 19.03 0.75 2.84
C ARG A 99 20.47 0.46 2.27
C ARG A 99 20.47 0.38 2.48
N ALA A 100 21.15 -0.22 3.18
N ALA A 100 21.20 -0.16 3.46
CA ALA A 100 22.52 -0.63 2.92
CA ALA A 100 22.56 -0.66 3.24
C ALA A 100 22.52 -1.89 2.04
C ALA A 100 22.57 -1.90 2.33
N ASP A 101 23.60 -2.06 1.26
N ASP A 101 23.67 -2.08 1.58
CA ASP A 101 23.77 -3.31 0.53
CA ASP A 101 23.76 -3.27 0.74
C ASP A 101 24.41 -4.32 1.47
C ASP A 101 24.37 -4.39 1.57
N THR A 102 23.58 -5.24 1.96
N THR A 102 23.50 -5.29 2.04
CA THR A 102 23.98 -6.44 2.68
CA THR A 102 23.88 -6.49 2.75
C THR A 102 23.08 -7.56 2.22
C THR A 102 23.02 -7.64 2.24
N PRO A 103 23.43 -8.86 2.43
N PRO A 103 23.42 -8.92 2.43
CA PRO A 103 22.60 -9.98 2.00
CA PRO A 103 22.57 -10.04 2.04
C PRO A 103 21.17 -9.93 2.52
C PRO A 103 21.16 -9.95 2.62
N LEU A 104 21.01 -9.64 3.81
N LEU A 104 21.06 -9.62 3.93
CA LEU A 104 19.69 -9.52 4.41
CA LEU A 104 19.76 -9.46 4.57
C LEU A 104 18.87 -8.47 3.68
C LEU A 104 18.95 -8.37 3.87
N CYS A 105 19.52 -7.34 3.34
N CYS A 105 19.61 -7.24 3.59
CA CYS A 105 18.80 -6.24 2.73
CA CYS A 105 18.90 -6.15 2.94
C CYS A 105 18.36 -6.60 1.30
C CYS A 105 18.45 -6.51 1.53
N ARG A 106 19.17 -7.40 0.60
N ARG A 106 19.27 -7.30 0.80
CA ARG A 106 18.80 -7.85 -0.73
CA ARG A 106 18.92 -7.77 -0.54
C ARG A 106 17.66 -8.87 -0.63
C ARG A 106 17.76 -8.76 -0.47
N THR A 107 17.75 -9.73 0.40
N THR A 107 17.79 -9.64 0.54
CA THR A 107 16.69 -10.70 0.64
CA THR A 107 16.70 -10.59 0.69
C THR A 107 15.37 -9.96 0.85
C THR A 107 15.40 -9.83 0.91
N TYR A 108 15.40 -8.99 1.76
N TYR A 108 15.45 -8.94 1.89
CA TYR A 108 14.22 -8.23 2.15
CA TYR A 108 14.29 -8.12 2.25
C TYR A 108 13.59 -7.55 0.93
C TYR A 108 13.72 -7.37 1.03
N ALA A 109 14.44 -7.01 0.05
N ALA A 109 14.62 -6.80 0.21
CA ALA A 109 13.98 -6.28 -1.12
CA ALA A 109 14.17 -6.05 -0.96
C ALA A 109 13.32 -7.22 -2.14
C ALA A 109 13.50 -6.93 -2.00
N SER A 110 13.58 -8.52 -2.04
N SER A 110 13.78 -8.24 -2.02
CA SER A 110 12.96 -9.46 -2.97
CA SER A 110 13.13 -9.14 -2.96
C SER A 110 11.50 -9.73 -2.61
C SER A 110 11.66 -9.45 -2.60
N TRP A 111 11.10 -9.35 -1.39
N TRP A 111 11.25 -9.02 -1.41
CA TRP A 111 9.80 -9.71 -0.83
CA TRP A 111 9.95 -9.42 -0.86
C TRP A 111 8.70 -8.75 -1.28
C TRP A 111 8.85 -8.45 -1.25
N SER A 112 7.48 -9.28 -1.41
N SER A 112 7.65 -8.99 -1.43
CA SER A 112 6.29 -8.47 -1.57
CA SER A 112 6.47 -8.17 -1.61
C SER A 112 6.05 -7.63 -0.32
C SER A 112 6.19 -7.37 -0.35
N PRO A 113 5.26 -6.54 -0.43
N PRO A 113 5.37 -6.31 -0.42
CA PRO A 113 4.93 -5.72 0.74
CA PRO A 113 5.13 -5.51 0.78
C PRO A 113 4.40 -6.54 1.91
C PRO A 113 4.57 -6.39 1.90
N ASN A 114 3.52 -7.51 1.62
N ASN A 114 3.66 -7.33 1.59
CA ASN A 114 2.89 -8.26 2.70
CA ASN A 114 3.05 -8.06 2.69
C ASN A 114 3.94 -9.06 3.46
C ASN A 114 4.08 -8.88 3.46
N ILE A 115 4.93 -9.59 2.72
N ILE A 115 5.09 -9.39 2.73
CA ILE A 115 5.92 -10.40 3.41
CA ILE A 115 6.08 -10.22 3.41
C ILE A 115 6.83 -9.51 4.24
C ILE A 115 6.97 -9.33 4.26
N LYS A 116 7.14 -8.33 3.70
N LYS A 116 7.31 -8.13 3.76
CA LYS A 116 7.89 -7.34 4.44
CA LYS A 116 8.06 -7.20 4.58
C LYS A 116 7.13 -6.97 5.72
C LYS A 116 7.25 -6.83 5.83
N LEU A 117 5.83 -6.68 5.60
N LEU A 117 5.94 -6.57 5.66
CA LEU A 117 5.01 -6.30 6.74
CA LEU A 117 5.13 -6.16 6.82
C LEU A 117 4.94 -7.43 7.76
C LEU A 117 5.08 -7.30 7.85
N GLY A 118 4.89 -8.68 7.27
N GLY A 118 4.98 -8.52 7.36
CA GLY A 118 4.75 -9.81 8.18
CA GLY A 118 4.88 -9.64 8.33
C GLY A 118 6.03 -10.07 8.96
C GLY A 118 6.19 -9.87 9.07
N PHE A 119 7.16 -9.67 8.37
N PHE A 119 7.31 -9.59 8.41
CA PHE A 119 8.48 -9.77 8.97
CA PHE A 119 8.62 -9.67 9.00
C PHE A 119 8.55 -8.78 10.13
C PHE A 119 8.71 -8.69 10.16
N TRP A 120 8.10 -7.54 9.91
N TRP A 120 8.29 -7.42 9.91
CA TRP A 120 8.13 -6.56 10.96
CA TRP A 120 8.29 -6.45 10.99
C TRP A 120 7.05 -6.83 12.02
C TRP A 120 7.25 -6.72 12.08
N TYR A 121 5.95 -7.46 11.61
N TYR A 121 6.07 -7.23 11.71
CA TYR A 121 4.92 -7.87 12.55
CA TYR A 121 5.09 -7.65 12.71
C TYR A 121 5.52 -8.79 13.61
C TYR A 121 5.70 -8.62 13.72
N ARG A 122 6.36 -9.70 13.15
N ARG A 122 6.45 -9.58 13.18
CA ARG A 122 6.89 -10.67 14.10
CA ARG A 122 7.07 -10.58 14.04
C ARG A 122 7.99 -10.05 14.95
C ARG A 122 8.14 -9.91 14.91
N LEU A 123 8.79 -9.15 14.34
N LEU A 123 9.01 -9.11 14.30
CA LEU A 123 9.83 -8.47 15.09
CA LEU A 123 10.00 -8.42 15.11
C LEU A 123 9.22 -7.59 16.16
C LEU A 123 9.37 -7.57 16.21
N GLY A 124 8.08 -6.97 15.84
N GLY A 124 8.25 -6.90 15.91
CA GLY A 124 7.32 -6.17 16.79
CA GLY A 124 7.57 -6.06 16.90
C GLY A 124 6.84 -7.01 17.98
C GLY A 124 7.17 -6.89 18.10
N GLU A 125 6.39 -8.22 17.67
N GLU A 125 6.56 -8.02 17.81
CA GLU A 125 5.94 -9.12 18.71
CA GLU A 125 6.18 -8.94 18.87
C GLU A 125 7.11 -9.46 19.64
C GLU A 125 7.41 -9.37 19.68
N LEU A 126 8.28 -9.72 19.06
N LEU A 126 8.50 -9.72 19.02
CA LEU A 126 9.45 -10.11 19.83
CA LEU A 126 9.68 -10.20 19.71
C LEU A 126 9.95 -8.93 20.66
C LEU A 126 10.33 -9.08 20.52
N MET A 127 9.79 -7.72 20.12
N MET A 127 10.26 -7.86 20.00
CA MET A 127 10.25 -6.56 20.87
CA MET A 127 10.78 -6.74 20.76
C MET A 127 9.35 -6.33 22.08
C MET A 127 9.95 -6.49 22.02
N GLU A 128 8.05 -6.53 21.91
N GLU A 128 8.61 -6.54 21.91
CA GLU A 128 7.17 -6.33 23.04
CA GLU A 128 7.62 -6.43 22.98
C GLU A 128 7.48 -7.36 24.11
C GLU A 128 7.93 -7.49 24.04
N GLN A 129 7.90 -8.56 23.66
N GLN A 129 8.27 -8.70 23.58
CA GLN A 129 8.21 -9.68 24.55
CA GLN A 129 8.52 -9.84 24.46
C GLN A 129 9.59 -9.51 25.18
C GLN A 129 9.94 -9.82 25.04
N GLY A 130 10.52 -8.84 24.47
N GLY A 130 10.84 -9.00 24.50
CA GLY A 130 11.85 -8.54 24.98
CA GLY A 130 12.23 -8.89 24.93
C GLY A 130 12.94 -9.50 24.51
C GLY A 130 13.22 -9.88 24.32
N PHE A 131 12.68 -10.29 23.47
N PHE A 131 12.87 -10.58 23.24
CA PHE A 131 13.65 -11.22 22.92
CA PHE A 131 13.72 -11.62 22.66
C PHE A 131 14.45 -10.55 21.79
C PHE A 131 14.55 -11.07 21.48
N VAL A 132 13.79 -9.59 21.11
N VAL A 132 14.16 -9.88 21.03
CA VAL A 132 14.51 -8.85 20.10
CA VAL A 132 14.95 -9.14 20.07
C VAL A 132 14.95 -7.50 20.65
C VAL A 132 15.25 -7.80 20.71
N ALA A 133 16.22 -7.21 20.34
N ALA A 133 16.48 -7.31 20.43
CA ALA A 133 16.92 -6.06 20.86
CA ALA A 133 16.93 -6.07 21.02
C ALA A 133 15.99 -4.85 20.81
C ALA A 133 15.87 -4.99 20.83
N PRO A 134 15.46 -4.60 22.02
N PRO A 134 15.35 -4.43 21.93
CA PRO A 134 14.35 -3.67 22.26
CA PRO A 134 14.28 -3.43 21.87
C PRO A 134 14.87 -2.24 22.19
C PRO A 134 14.89 -2.06 21.59
N ILE A 135 13.98 -1.26 22.06
N ILE A 135 14.03 -1.05 21.40
CA ILE A 135 14.54 0.08 22.00
CA ILE A 135 14.55 0.32 21.39
C ILE A 135 15.20 0.39 23.34
C ILE A 135 15.13 0.59 22.78
N PRO A 136 16.49 0.80 23.33
N PRO A 136 16.31 1.24 22.92
CA PRO A 136 17.22 1.21 24.53
CA PRO A 136 16.94 1.45 24.22
C PRO A 136 16.28 1.92 25.48
C PRO A 136 15.94 2.05 25.20
N ALA A 137 16.02 1.31 26.63
N ALA A 137 16.02 1.66 26.49
CA ALA A 137 15.05 1.83 27.59
CA ALA A 137 15.05 2.15 27.46
C ALA A 137 15.25 3.34 27.72
C ALA A 137 15.25 3.65 27.64
N GLY A 138 14.15 4.09 27.70
N GLY A 138 14.14 4.40 27.66
CA GLY A 138 14.17 5.51 27.99
CA GLY A 138 14.13 5.85 27.84
C GLY A 138 14.59 6.37 26.80
C GLY A 138 14.65 6.63 26.62
N TYR A 139 14.71 5.76 25.62
N TYR A 139 14.70 5.99 25.45
CA TYR A 139 15.18 6.47 24.43
CA TYR A 139 15.18 6.61 24.21
C TYR A 139 14.27 7.65 24.12
C TYR A 139 14.32 7.85 23.91
N GLN A 140 14.87 8.83 23.87
N GLN A 140 15.02 8.92 23.51
CA GLN A 140 14.17 10.04 23.50
CA GLN A 140 14.38 10.18 23.14
C GLN A 140 14.51 10.36 22.04
C GLN A 140 14.70 10.43 21.66
N LEU A 141 13.47 10.61 21.23
N LEU A 141 13.63 10.71 20.92
CA LEU A 141 13.71 10.93 19.82
CA LEU A 141 13.76 11.05 19.50
C LEU A 141 14.38 12.30 19.71
C LEU A 141 14.50 12.36 19.28
N SER A 142 15.01 12.51 18.56
N SER A 142 15.17 12.42 18.12
CA SER A 142 15.63 13.79 18.23
CA SER A 142 15.79 13.65 17.60
C SER A 142 14.53 14.82 17.95
C SER A 142 14.71 14.69 17.41
N ALA A 143 14.93 16.09 17.99
N ALA A 143 15.13 15.94 17.24
CA ALA A 143 14.10 17.20 17.53
CA ALA A 143 14.20 17.06 17.08
C ALA A 143 13.24 16.86 16.32
C ALA A 143 13.35 16.86 15.84
N ASN A 144 13.89 16.53 15.18
N ASN A 144 14.00 16.52 14.72
CA ASN A 144 13.22 16.33 13.89
CA ASN A 144 13.27 16.24 13.48
C ASN A 144 12.25 15.16 13.99
C ASN A 144 12.33 15.04 13.66
N ALA A 145 12.68 14.11 14.70
N ALA A 145 12.79 14.01 14.39
CA ALA A 145 11.93 12.87 14.75
CA ALA A 145 11.98 12.80 14.52
C ALA A 145 10.64 13.06 15.53
C ALA A 145 10.74 13.05 15.37
N ASN A 146 10.69 13.81 16.64
N ASN A 146 10.88 13.81 16.44
CA ASN A 146 9.49 13.99 17.45
CA ASN A 146 9.73 14.07 17.30
C ASN A 146 8.44 14.70 16.62
C ASN A 146 8.63 14.79 16.52
N ALA A 147 8.88 15.66 15.81
N ALA A 147 9.05 15.73 15.67
CA ALA A 147 7.92 16.40 15.01
CA ALA A 147 8.05 16.44 14.88
C ALA A 147 7.34 15.51 13.91
C ALA A 147 7.42 15.52 13.82
N VAL A 148 8.14 14.60 13.34
N VAL A 148 8.20 14.64 13.21
CA VAL A 148 7.62 13.63 12.38
CA VAL A 148 7.65 13.67 12.26
C VAL A 148 6.54 12.75 13.04
C VAL A 148 6.58 12.84 12.97
N LEU A 149 6.86 12.16 14.20
N LEU A 149 6.90 12.37 14.18
CA LEU A 149 5.88 11.31 14.87
CA LEU A 149 5.89 11.53 14.85
C LEU A 149 4.61 12.10 15.19
C LEU A 149 4.65 12.32 15.16
N ALA A 150 4.76 13.37 15.59
N ALA A 150 4.80 13.59 15.59
CA ALA A 150 3.60 14.18 15.92
CA ALA A 150 3.65 14.40 15.89
C ALA A 150 2.68 14.29 14.70
C ALA A 150 2.77 14.53 14.64
N THR A 151 3.30 14.52 13.53
N THR A 151 3.41 14.77 13.48
CA THR A 151 2.50 14.65 12.31
CA THR A 151 2.62 14.85 12.26
C THR A 151 1.71 13.38 12.03
C THR A 151 1.84 13.56 12.06
N ILE A 152 2.39 12.24 12.07
N ILE A 152 2.51 12.40 12.16
CA ILE A 152 1.76 10.95 11.84
CA ILE A 152 1.86 11.11 11.93
C ILE A 152 0.57 10.78 12.78
C ILE A 152 0.65 10.98 12.85
N GLN A 153 0.78 11.10 14.06
N GLN A 153 0.85 11.35 14.11
CA GLN A 153 -0.26 10.80 15.03
CA GLN A 153 -0.23 11.09 15.07
C GLN A 153 -1.48 11.71 14.88
C GLN A 153 -1.40 12.03 14.88
N GLY A 154 -1.34 12.82 14.13
N GLY A 154 -1.21 13.13 14.15
CA GLY A 154 -2.46 13.70 13.81
CA GLY A 154 -2.30 14.02 13.81
C GLY A 154 -3.24 13.30 12.55
C GLY A 154 -3.10 13.62 12.56
N LEU A 155 -2.73 12.32 11.80
N LEU A 155 -2.62 12.58 11.86
CA LEU A 155 -3.42 11.96 10.57
CA LEU A 155 -3.28 12.18 10.62
C LEU A 155 -4.58 11.02 10.89
C LEU A 155 -4.46 11.27 10.94
N GLU A 156 -5.49 10.87 9.93
N GLU A 156 -5.37 11.18 9.97
CA GLU A 156 -6.53 9.86 9.99
CA GLU A 156 -6.39 10.13 9.93
C GLU A 156 -5.90 8.46 9.97
C GLU A 156 -5.73 8.74 9.95
N SER A 157 -6.56 7.47 10.57
N SER A 157 -6.40 7.72 10.53
CA SER A 157 -5.96 6.17 10.80
CA SER A 157 -5.83 6.38 10.63
C SER A 157 -5.65 5.46 9.50
C SER A 157 -5.43 5.82 9.27
N GLY A 158 -5.10 5.73 8.30
N GLY A 158 -6.28 6.12 8.25
CA GLY A 158 -5.79 5.30 7.08
CA GLY A 158 -5.95 5.63 6.91
C GLY A 158 -4.79 6.05 6.25
C GLY A 158 -4.58 6.14 6.43
N GLN A 159 -4.52 7.30 6.69
N GLN A 159 -4.29 7.43 6.75
CA GLN A 159 -3.23 7.93 6.39
CA GLN A 159 -3.02 8.06 6.39
C GLN A 159 -2.09 7.32 7.22
C GLN A 159 -1.87 7.51 7.25
N GLN A 160 -2.32 7.01 8.51
N GLN A 160 -2.17 7.30 8.54
CA GLN A 160 -1.23 6.50 9.34
CA GLN A 160 -1.17 6.76 9.46
C GLN A 160 -0.76 5.15 8.85
C GLN A 160 -0.66 5.40 8.97
N ILE A 161 -1.71 4.26 8.55
N ILE A 161 -1.57 4.48 8.62
CA ILE A 161 -1.24 2.94 8.16
CA ILE A 161 -1.16 3.16 8.21
C ILE A 161 -0.56 3.04 6.80
C ILE A 161 -0.45 3.20 6.85
N THR A 162 -0.93 4.04 5.98
N THR A 162 -0.77 4.21 6.03
CA THR A 162 -0.27 4.16 4.69
CA THR A 162 -0.08 4.28 4.75
C THR A 162 1.17 4.63 4.89
C THR A 162 1.35 4.78 4.95
N VAL A 163 1.38 5.58 5.82
N VAL A 163 1.55 5.72 5.86
CA VAL A 163 2.73 6.02 6.16
CA VAL A 163 2.90 6.11 6.23
C VAL A 163 3.56 4.83 6.64
C VAL A 163 3.69 4.89 6.72
N LEU A 164 2.98 4.01 7.53
N LEU A 164 3.12 4.11 7.67
CA LEU A 164 3.71 2.86 8.04
CA LEU A 164 3.88 2.99 8.19
C LEU A 164 4.06 1.91 6.90
C LEU A 164 4.22 2.01 7.07
N ARG A 165 3.07 1.53 6.07
N ARG A 165 3.23 1.65 6.22
CA ARG A 165 3.34 0.58 4.99
CA ARG A 165 3.52 0.72 5.13
C ARG A 165 4.47 1.08 4.09
C ARG A 165 4.64 1.26 4.25
N ASN A 166 4.42 2.37 3.75
N ASN A 166 4.55 2.55 3.90
CA ASN A 166 5.36 2.96 2.82
CA ASN A 166 5.53 3.07 2.97
C ASN A 166 6.76 2.96 3.42
C ASN A 166 6.93 3.07 3.61
N ALA A 167 6.87 3.22 4.73
N ALA A 167 6.97 3.32 4.92
CA ALA A 167 8.18 3.21 5.37
CA ALA A 167 8.28 3.24 5.59
C ALA A 167 8.75 1.79 5.33
C ALA A 167 8.81 1.81 5.53
N VAL A 168 7.92 0.80 5.67
N VAL A 168 7.94 0.81 5.70
CA VAL A 168 8.32 -0.60 5.65
CA VAL A 168 8.40 -0.57 5.68
C VAL A 168 8.80 -0.99 4.25
C VAL A 168 8.88 -0.93 4.27
N VAL A 169 7.95 -0.70 3.25
N VAL A 169 8.10 -0.53 3.28
CA VAL A 169 8.21 -1.23 1.91
CA VAL A 169 8.42 -0.96 1.93
C VAL A 169 9.52 -0.65 1.36
C VAL A 169 9.73 -0.35 1.46
N ASP A 170 9.89 0.55 1.83
N ASP A 170 10.07 0.82 2.00
CA ASP A 170 10.99 1.31 1.27
CA ASP A 170 11.23 1.57 1.54
C ASP A 170 12.32 0.83 1.86
C ASP A 170 12.54 0.94 2.02
N MET A 171 12.27 -0.05 2.86
N MET A 171 12.47 0.03 3.00
CA MET A 171 13.52 -0.49 3.48
CA MET A 171 13.70 -0.46 3.60
C MET A 171 14.20 -1.52 2.56
C MET A 171 14.40 -1.49 2.70
N GLY A 172 15.48 -1.77 2.83
N GLY A 172 15.66 -1.80 3.03
CA GLY A 172 16.21 -2.79 2.10
CA GLY A 172 16.35 -2.84 2.28
C GLY A 172 17.03 -2.19 0.97
C GLY A 172 17.13 -2.30 1.08
N PHE A 173 17.60 -3.07 0.15
N PHE A 173 17.66 -3.22 0.27
CA PHE A 173 18.43 -2.63 -0.97
CA PHE A 173 18.50 -2.79 -0.85
C PHE A 173 18.20 -3.52 -2.18
C PHE A 173 18.17 -3.56 -2.13
N THR A 174 17.85 -2.90 -3.32
N THR A 174 17.75 -2.83 -3.18
CA THR A 174 17.71 -3.61 -4.58
CA THR A 174 17.63 -3.47 -4.49
C THR A 174 18.88 -3.29 -5.49
C THR A 174 18.91 -3.29 -5.31
N ALA A 175 19.41 -4.32 -6.16
N ALA A 175 19.53 -4.42 -5.68
CA ALA A 175 20.40 -4.11 -7.21
CA ALA A 175 20.55 -4.48 -6.73
C ALA A 175 19.93 -4.79 -8.49
C ALA A 175 20.03 -5.29 -7.90
N GLY A 176 19.41 -4.00 -9.42
N GLY A 176 19.86 -4.63 -9.05
CA GLY A 176 19.08 -4.49 -10.75
CA GLY A 176 19.43 -5.32 -10.27
C GLY A 176 17.60 -4.37 -11.08
C GLY A 176 17.97 -5.04 -10.61
N LYS A 177 17.30 -4.27 -12.39
N LYS A 177 17.68 -5.03 -11.92
CA LYS A 177 15.93 -4.13 -12.86
CA LYS A 177 16.38 -4.66 -12.45
C LYS A 177 15.22 -5.47 -12.83
C LYS A 177 15.47 -5.88 -12.48
N ASP A 178 16.02 -6.55 -12.71
N ASP A 178 16.06 -7.05 -12.78
CA ASP A 178 15.49 -7.89 -12.82
CA ASP A 178 15.31 -8.28 -12.97
C ASP A 178 16.09 -8.78 -11.72
C ASP A 178 15.65 -9.27 -11.86
N GLY A 179 15.52 -8.66 -10.53
N GLY A 179 15.84 -8.74 -10.64
CA GLY A 179 15.84 -9.53 -9.40
CA GLY A 179 16.08 -9.54 -9.46
C GLY A 179 14.65 -10.41 -9.03
C GLY A 179 14.85 -10.39 -9.10
N LYS A 180 14.92 -11.51 -8.32
N LYS A 180 15.07 -11.44 -8.30
CA LYS A 180 13.91 -12.48 -7.95
CA LYS A 180 14.02 -12.36 -7.90
C LYS A 180 12.77 -11.77 -7.22
C LYS A 180 12.96 -11.60 -7.11
N ARG A 181 11.57 -12.33 -7.31
N ARG A 181 11.69 -11.92 -7.35
CA ARG A 181 10.36 -11.76 -6.72
CA ARG A 181 10.57 -11.30 -6.67
C ARG A 181 9.70 -12.80 -5.85
C ARG A 181 9.85 -12.41 -5.91
N ILE A 182 9.48 -12.46 -4.57
N ILE A 182 9.75 -12.25 -4.59
CA ILE A 182 8.99 -13.43 -3.60
CA ILE A 182 9.05 -13.26 -3.81
C ILE A 182 7.67 -12.93 -3.02
C ILE A 182 7.76 -12.61 -3.32
N ALA A 183 6.58 -13.63 -3.34
N ALA A 183 6.64 -13.31 -3.52
CA ALA A 183 5.25 -13.19 -2.93
CA ALA A 183 5.34 -12.85 -3.05
C ALA A 183 4.38 -14.38 -2.52
C ALA A 183 4.58 -14.02 -2.44
N GLU A 184 3.24 -14.09 -1.90
N GLU A 184 3.45 -13.72 -1.78
CA GLU A 184 2.37 -15.13 -1.38
CA GLU A 184 2.61 -14.78 -1.25
C GLU A 184 1.65 -15.81 -2.54
C GLU A 184 1.94 -15.50 -2.41
N PRO A 185 1.15 -17.04 -2.29
N PRO A 185 1.52 -16.78 -2.23
CA PRO A 185 0.37 -17.78 -3.28
CA PRO A 185 0.79 -17.48 -3.28
C PRO A 185 -0.89 -16.98 -3.62
C PRO A 185 -0.51 -16.74 -3.61
N VAL A 186 -1.29 -17.05 -4.87
N VAL A 186 -0.96 -16.90 -4.85
CA VAL A 186 -2.50 -16.37 -5.28
CA VAL A 186 -2.19 -16.24 -5.27
C VAL A 186 -3.70 -17.16 -4.76
C VAL A 186 -3.41 -17.04 -4.82
N VAL A 187 -4.71 -16.43 -4.26
N VAL A 187 -4.32 -16.35 -4.12
CA VAL A 187 -5.89 -17.05 -3.69
CA VAL A 187 -5.55 -16.91 -3.56
C VAL A 187 -6.83 -17.40 -4.84
C VAL A 187 -6.46 -17.29 -4.73
N PRO A 188 -7.77 -18.35 -4.63
N PRO A 188 -7.28 -18.35 -4.64
CA PRO A 188 -8.77 -18.68 -5.64
CA PRO A 188 -8.21 -18.67 -5.73
C PRO A 188 -9.75 -17.53 -5.81
C PRO A 188 -9.31 -17.60 -5.71
N PRO A 189 -10.13 -17.16 -7.06
N PRO A 189 -9.79 -17.14 -6.89
CA PRO A 189 -11.20 -16.20 -7.30
CA PRO A 189 -10.87 -16.16 -6.94
C PRO A 189 -12.49 -16.70 -6.66
C PRO A 189 -12.09 -16.60 -6.14
N GLN A 190 -13.26 -15.79 -6.07
N GLN A 190 -12.90 -15.64 -5.70
CA GLN A 190 -14.43 -16.14 -5.28
CA GLN A 190 -14.09 -15.94 -4.92
C GLN A 190 -15.44 -16.88 -6.15
C GLN A 190 -15.06 -16.65 -5.87
N ASP A 191 -16.14 -17.84 -5.52
N ASP A 191 -15.71 -17.71 -5.38
CA ASP A 191 -17.31 -18.47 -6.10
CA ASP A 191 -16.70 -18.40 -6.21
C ASP A 191 -18.19 -17.39 -6.72
C ASP A 191 -17.82 -17.43 -6.58
N THR A 192 -18.48 -17.53 -8.02
N THR A 192 -18.19 -17.42 -7.86
CA THR A 192 -19.26 -16.52 -8.71
CA THR A 192 -19.04 -16.42 -8.49
C THR A 192 -20.63 -16.37 -8.05
C THR A 192 -20.35 -16.23 -7.71
N ALA A 193 -21.03 -17.39 -7.28
N ALA A 193 -20.83 -17.32 -7.10
CA ALA A 193 -22.38 -17.48 -6.74
CA ALA A 193 -22.08 -17.36 -6.36
C ALA A 193 -22.50 -16.68 -5.44
C ALA A 193 -22.06 -16.44 -5.14
N SER A 194 -21.36 -16.32 -4.85
N SER A 194 -20.92 -16.42 -4.43
CA SER A 194 -21.38 -15.73 -3.51
CA SER A 194 -20.84 -15.70 -3.17
C SER A 194 -20.82 -14.32 -3.54
C SER A 194 -20.37 -14.25 -3.36
N ARG A 195 -20.59 -13.77 -4.73
N ARG A 195 -20.25 -13.80 -4.62
CA ARG A 195 -19.98 -12.46 -4.86
CA ARG A 195 -19.69 -12.48 -4.89
C ARG A 195 -21.02 -11.37 -4.64
C ARG A 195 -20.72 -11.39 -4.60
N THR A 196 -20.66 -10.34 -3.89
N THR A 196 -20.27 -10.31 -3.97
CA THR A 196 -21.46 -9.13 -3.87
CA THR A 196 -21.10 -9.11 -3.80
C THR A 196 -21.26 -8.41 -5.19
C THR A 196 -20.93 -8.25 -5.05
N LYS A 197 -22.21 -7.53 -5.53
N LYS A 197 -21.88 -7.34 -5.28
CA LYS A 197 -22.00 -6.54 -6.56
CA LYS A 197 -21.74 -6.34 -6.32
C LYS A 197 -22.10 -5.18 -5.91
C LYS A 197 -21.79 -4.97 -5.66
N VAL A 198 -21.25 -4.25 -6.34
N VAL A 198 -20.87 -4.09 -6.06
CA VAL A 198 -21.29 -2.93 -5.76
CA VAL A 198 -20.93 -2.72 -5.58
C VAL A 198 -22.37 -2.13 -6.47
C VAL A 198 -22.08 -1.97 -6.24
N SER A 199 -22.84 -1.10 -5.77
N SER A 199 -22.51 -0.91 -5.55
CA SER A 199 -23.70 -0.11 -6.38
CA SER A 199 -23.39 0.11 -6.12
C SER A 199 -23.04 1.24 -6.20
C SER A 199 -22.74 1.48 -5.94
N ILE A 200 -23.03 2.06 -7.26
N ILE A 200 -22.73 2.29 -7.00
CA ILE A 200 -22.40 3.36 -7.22
CA ILE A 200 -22.09 3.60 -7.02
C ILE A 200 -23.40 4.44 -7.67
C ILE A 200 -23.10 4.63 -7.47
N GLU A 201 -23.64 5.40 -6.79
N GLU A 201 -23.40 5.57 -6.60
CA GLU A 201 -24.54 6.48 -7.12
CA GLU A 201 -24.33 6.61 -7.00
C GLU A 201 -24.06 7.14 -8.40
C GLU A 201 -23.79 7.31 -8.23
N GLY A 202 -24.93 7.18 -9.41
N GLY A 202 -24.66 7.46 -9.25
CA GLY A 202 -24.65 7.94 -10.61
CA GLY A 202 -24.31 8.21 -10.43
C GLY A 202 -23.88 7.16 -11.67
C GLY A 202 -23.57 7.39 -11.49
N VAL A 203 -23.31 6.01 -11.30
N VAL A 203 -23.08 6.20 -11.13
CA VAL A 203 -22.42 5.31 -12.23
CA VAL A 203 -22.19 5.49 -12.05
C VAL A 203 -22.99 3.94 -12.58
C VAL A 203 -22.74 4.09 -12.31
N THR A 204 -23.35 3.77 -13.86
N THR A 204 -23.11 3.88 -13.59
CA THR A 204 -23.88 2.51 -14.35
CA THR A 204 -23.57 2.59 -14.05
C THR A 204 -22.86 1.85 -15.26
C THR A 204 -22.53 1.96 -15.00
N ASN A 205 -21.73 2.53 -15.48
N ASN A 205 -21.47 2.72 -15.33
CA ASN A 205 -20.74 2.09 -16.43
CA ASN A 205 -20.45 2.29 -16.28
C ASN A 205 -20.29 0.65 -16.14
C ASN A 205 -19.99 0.85 -15.96
N ALA A 206 -20.36 -0.19 -17.17
N ALA A 206 -20.17 -0.07 -16.94
CA ALA A 206 -20.10 -1.60 -16.97
CA ALA A 206 -19.89 -1.48 -16.70
C ALA A 206 -18.63 -1.84 -16.62
C ALA A 206 -18.41 -1.76 -16.45
N THR A 207 -17.72 -1.10 -17.24
N THR A 207 -17.50 -1.01 -17.10
CA THR A 207 -16.31 -1.34 -17.00
CA THR A 207 -16.08 -1.18 -16.85
C THR A 207 -15.99 -1.06 -15.53
C THR A 207 -15.75 -0.85 -15.38
N VAL A 208 -16.48 0.06 -15.02
N VAL A 208 -16.23 0.30 -14.89
CA VAL A 208 -16.16 0.45 -13.65
CA VAL A 208 -15.94 0.70 -13.51
C VAL A 208 -16.76 -0.55 -12.67
C VAL A 208 -16.51 -0.32 -12.54
N LEU A 209 -18.02 -0.95 -12.89
N LEU A 209 -17.79 -0.69 -12.76
CA LEU A 209 -18.60 -1.93 -11.98
CA LEU A 209 -18.41 -1.66 -11.88
C LEU A 209 -17.88 -3.27 -12.03
C LEU A 209 -17.73 -3.03 -11.90
N ASN A 210 -17.52 -3.74 -13.24
N ASN A 210 -17.31 -3.47 -13.10
CA ASN A 210 -16.84 -5.03 -13.32
CA ASN A 210 -16.57 -4.73 -13.21
C ASN A 210 -15.48 -4.93 -12.63
C ASN A 210 -15.19 -4.65 -12.55
N TYR A 211 -14.84 -3.77 -12.77
N TYR A 211 -14.55 -3.47 -12.65
CA TYR A 211 -13.53 -3.58 -12.15
CA TYR A 211 -13.27 -3.22 -12.00
C TYR A 211 -13.66 -3.76 -10.65
C TYR A 211 -13.42 -3.52 -10.51
N MET A 212 -14.64 -3.06 -10.07
N MET A 212 -14.41 -2.84 -9.91
CA MET A 212 -14.84 -3.13 -8.63
CA MET A 212 -14.58 -2.89 -8.47
C MET A 212 -15.18 -4.55 -8.19
C MET A 212 -14.92 -4.32 -8.02
N ASP A 213 -16.12 -5.19 -8.89
N ASP A 213 -15.83 -4.95 -8.78
CA ASP A 213 -16.62 -6.49 -8.46
CA ASP A 213 -16.34 -6.26 -8.41
C ASP A 213 -15.55 -7.57 -8.64
C ASP A 213 -15.26 -7.36 -8.60
N ASN A 214 -14.77 -7.47 -9.73
N ASN A 214 -14.49 -7.27 -9.69
CA ASN A 214 -13.78 -8.50 -9.97
CA ASN A 214 -13.45 -8.27 -9.89
C ASN A 214 -12.62 -8.39 -8.98
C ASN A 214 -12.35 -8.16 -8.83
N LEU A 215 -12.26 -7.16 -8.62
N LEU A 215 -11.97 -6.92 -8.47
CA LEU A 215 -11.20 -6.99 -7.64
CA LEU A 215 -10.92 -6.77 -7.46
C LEU A 215 -11.67 -7.50 -6.29
C LEU A 215 -11.42 -7.30 -6.11
N ASN A 216 -12.94 -7.25 -5.96
N ASN A 216 -12.68 -7.01 -5.77
CA ASN A 216 -13.52 -7.71 -4.70
CA ASN A 216 -13.27 -7.45 -4.52
C ASN A 216 -13.60 -9.23 -4.62
C ASN A 216 -13.40 -8.98 -4.45
N ALA A 217 -13.59 -9.90 -5.79
N ALA A 217 -13.40 -9.64 -5.61
CA ALA A 217 -13.65 -11.35 -5.84
CA ALA A 217 -13.43 -11.10 -5.72
C ALA A 217 -12.27 -11.96 -6.09
C ALA A 217 -12.04 -11.72 -5.88
N ASN A 218 -11.22 -11.13 -6.07
N ASN A 218 -10.96 -10.93 -5.91
CA ASN A 218 -9.87 -11.61 -6.32
CA ASN A 218 -9.60 -11.42 -6.20
C ASN A 218 -9.79 -12.30 -7.67
C ASN A 218 -9.54 -12.06 -7.60
N ASP A 219 -10.58 -11.79 -8.63
N ASP A 219 -10.40 -11.57 -8.52
CA ASP A 219 -10.63 -12.42 -9.94
CA ASP A 219 -10.42 -12.16 -9.86
C ASP A 219 -9.79 -11.63 -10.93
C ASP A 219 -9.53 -11.37 -10.81
N PHE A 220 -8.47 -11.83 -10.85
N PHE A 220 -8.21 -11.58 -10.69
CA PHE A 220 -7.55 -10.94 -11.51
CA PHE A 220 -7.25 -10.74 -11.35
C PHE A 220 -7.52 -11.20 -13.01
C PHE A 220 -7.21 -10.98 -12.86
N ASP A 221 -7.77 -12.45 -13.39
N ASP A 221 -7.44 -12.24 -13.24
CA ASP A 221 -7.68 -12.79 -14.81
CA ASP A 221 -7.41 -12.56 -14.66
C ASP A 221 -8.81 -12.13 -15.58
C ASP A 221 -8.57 -11.89 -15.40
N THR A 222 -9.99 -12.02 -14.95
N THR A 222 -9.76 -11.82 -14.78
CA THR A 222 -11.10 -11.35 -15.58
CA THR A 222 -10.84 -11.05 -15.37
C THR A 222 -10.88 -9.84 -15.51
C THR A 222 -10.55 -9.55 -15.36
N LEU A 223 -10.36 -9.40 -14.37
N LEU A 223 -10.06 -9.04 -14.22
CA LEU A 223 -10.11 -7.99 -14.12
CA LEU A 223 -9.74 -7.63 -14.03
C LEU A 223 -9.20 -7.41 -15.20
C LEU A 223 -8.83 -7.10 -15.13
N ILE A 224 -8.09 -8.12 -15.49
N ILE A 224 -7.74 -7.83 -15.44
CA ILE A 224 -7.05 -7.61 -16.37
CA ILE A 224 -6.69 -7.33 -16.33
C ILE A 224 -7.55 -7.43 -17.80
C ILE A 224 -7.24 -7.15 -17.74
N GLU A 225 -8.57 -8.23 -18.17
N GLU A 225 -8.25 -7.94 -18.05
CA GLU A 225 -9.14 -8.20 -19.51
CA GLU A 225 -8.85 -7.91 -19.37
C GLU A 225 -9.97 -6.93 -19.70
C GLU A 225 -9.65 -6.62 -19.61
N LEU A 226 -10.09 -6.10 -18.64
N LEU A 226 -9.96 -5.83 -18.55
CA LEU A 226 -10.79 -4.83 -18.75
CA LEU A 226 -10.58 -4.51 -18.73
C LEU A 226 -9.88 -3.74 -19.29
C LEU A 226 -9.64 -3.44 -19.28
N PHE A 227 -8.58 -4.00 -19.25
N PHE A 227 -8.31 -3.68 -19.27
CA PHE A 227 -7.57 -2.99 -19.55
CA PHE A 227 -7.34 -2.63 -19.56
C PHE A 227 -7.19 -3.08 -21.03
C PHE A 227 -6.96 -2.71 -21.03
N THR A 228 -6.78 -1.94 -21.59
N THR A 228 -6.57 -1.57 -21.58
CA THR A 228 -6.09 -1.94 -22.87
CA THR A 228 -5.90 -1.51 -22.88
C THR A 228 -4.74 -2.64 -22.70
C THR A 228 -4.52 -2.18 -22.75
N SER A 229 -4.15 -3.04 -23.82
N SER A 229 -3.94 -2.60 -23.88
CA SER A 229 -2.85 -3.67 -23.81
CA SER A 229 -2.67 -3.31 -23.81
C SER A 229 -1.80 -2.78 -23.16
C SER A 229 -1.60 -2.46 -23.13
N ASP A 230 -1.85 -1.47 -23.45
N ASP A 230 -1.69 -1.15 -23.33
CA ASP A 230 -0.86 -0.48 -23.03
CA ASP A 230 -0.69 -0.16 -22.96
C ASP A 230 -1.34 0.25 -21.78
C ASP A 230 -1.19 0.62 -21.74
N GLY A 231 -2.44 -0.25 -21.20
N GLY A 231 -2.26 0.09 -21.17
CA GLY A 231 -3.13 0.45 -20.12
CA GLY A 231 -2.98 0.82 -20.10
C GLY A 231 -2.35 0.45 -18.81
C GLY A 231 -2.17 0.83 -18.82
N ALA A 232 -2.64 1.41 -17.92
N ALA A 232 -2.52 1.74 -17.90
CA ALA A 232 -1.87 1.50 -16.71
CA ALA A 232 -1.74 1.82 -16.68
C ALA A 232 -2.77 1.65 -15.48
C ALA A 232 -2.63 1.97 -15.45
N LEU A 233 -2.20 1.24 -14.34
N LEU A 233 -2.06 1.55 -14.32
CA LEU A 233 -2.81 1.44 -13.04
CA LEU A 233 -2.70 1.72 -13.01
C LEU A 233 -1.82 2.17 -12.14
C LEU A 233 -1.73 2.47 -12.14
N GLN A 234 -2.31 3.20 -11.44
N GLN A 234 -2.25 3.51 -11.45
CA GLN A 234 -1.45 4.05 -10.64
CA GLN A 234 -1.39 4.36 -10.65
C GLN A 234 -1.88 3.98 -9.19
C GLN A 234 -1.81 4.23 -9.19
N PRO A 235 -1.13 3.24 -8.33
N PRO A 235 -1.08 3.48 -8.35
CA PRO A 235 -1.42 3.17 -6.90
CA PRO A 235 -1.44 3.36 -6.94
C PRO A 235 -1.17 4.50 -6.21
C PRO A 235 -1.09 4.67 -6.23
N PRO A 236 -1.75 4.73 -5.01
N PRO A 236 -1.64 4.87 -5.00
CA PRO A 236 -1.55 5.98 -4.27
CA PRO A 236 -1.46 6.14 -4.29
C PRO A 236 -0.08 6.37 -4.17
C PRO A 236 0.01 6.50 -4.15
N PHE A 237 0.26 7.56 -4.68
N PHE A 237 0.38 7.68 -4.63
CA PHE A 237 1.56 8.21 -4.55
CA PHE A 237 1.73 8.18 -4.39
C PHE A 237 2.68 7.52 -5.31
C PHE A 237 2.80 7.37 -5.11
N GLN A 238 2.30 6.54 -6.14
N GLN A 238 2.41 6.65 -6.16
CA GLN A 238 3.24 5.75 -6.94
CA GLN A 238 3.44 5.93 -6.93
C GLN A 238 3.22 6.24 -8.39
C GLN A 238 3.29 6.24 -8.41
N ARG A 239 4.22 5.76 -9.14
N ARG A 239 4.34 5.96 -9.21
CA ARG A 239 4.27 5.88 -10.58
CA ARG A 239 4.20 6.17 -10.63
C ARG A 239 3.29 4.89 -11.21
C ARG A 239 3.26 5.16 -11.27
N PRO A 240 2.77 5.21 -12.41
N PRO A 240 2.73 5.49 -12.46
CA PRO A 240 1.95 4.25 -13.14
CA PRO A 240 1.90 4.52 -13.17
C PRO A 240 2.64 2.89 -13.32
C PRO A 240 2.69 3.23 -13.43
N ILE A 241 1.82 1.84 -13.22
N ILE A 241 1.96 2.13 -13.26
CA ILE A 241 2.28 0.49 -13.57
CA ILE A 241 2.40 0.78 -13.62
C ILE A 241 1.71 0.20 -14.95
C ILE A 241 1.79 0.52 -14.99
N VAL A 242 2.58 -0.09 -15.92
N VAL A 242 2.67 0.24 -15.98
CA VAL A 242 2.20 0.01 -17.32
CA VAL A 242 2.24 0.34 -17.36
C VAL A 242 2.23 -1.35 -17.99
C VAL A 242 2.25 -1.02 -18.04
N GLY A 243 1.13 -1.66 -18.67
N GLY A 243 1.15 -1.32 -18.69
CA GLY A 243 0.99 -2.85 -19.47
CA GLY A 243 1.00 -2.53 -19.50
C GLY A 243 0.32 -4.00 -18.73
C GLY A 243 0.45 -3.71 -18.71
N LYS A 244 -0.38 -4.86 -19.46
N LYS A 244 -0.20 -4.66 -19.40
CA LYS A 244 -1.12 -5.92 -18.79
CA LYS A 244 -0.95 -5.71 -18.72
C LYS A 244 -0.21 -6.80 -17.92
C LYS A 244 -0.06 -6.60 -17.87
N GLU A 245 0.97 -7.17 -18.43
N GLU A 245 1.16 -6.90 -18.35
CA GLU A 245 1.80 -8.08 -17.66
CA GLU A 245 1.99 -7.79 -17.56
C GLU A 245 2.05 -7.51 -16.26
C GLU A 245 2.32 -7.19 -16.19
N ASN A 246 2.53 -6.27 -16.24
N ASN A 246 2.74 -5.92 -16.23
CA ASN A 246 2.97 -5.62 -15.01
CA ASN A 246 3.14 -5.28 -15.00
C ASN A 246 1.81 -5.38 -14.04
C ASN A 246 1.94 -5.02 -14.08
N VAL A 247 0.63 -5.06 -14.59
N VAL A 247 0.81 -4.61 -14.68
CA VAL A 247 -0.54 -4.79 -13.77
CA VAL A 247 -0.39 -4.36 -13.87
C VAL A 247 -1.08 -6.08 -13.15
C VAL A 247 -0.90 -5.68 -13.26
N LEU A 248 -1.15 -7.14 -13.95
N LEU A 248 -0.91 -6.77 -14.03
CA LEU A 248 -1.59 -8.41 -13.41
CA LEU A 248 -1.35 -8.05 -13.46
C LEU A 248 -0.65 -8.87 -12.30
C LEU A 248 -0.44 -8.55 -12.34
N ARG A 249 0.67 -8.67 -12.47
N ARG A 249 0.88 -8.42 -12.55
CA ARG A 249 1.67 -9.05 -11.48
CA ARG A 249 1.87 -8.73 -11.54
C ARG A 249 1.41 -8.30 -10.19
C ARG A 249 1.52 -8.01 -10.24
N PHE A 250 1.00 -7.04 -10.32
N PHE A 250 1.26 -6.69 -10.37
CA PHE A 250 0.70 -6.22 -9.16
CA PHE A 250 0.96 -5.88 -9.20
C PHE A 250 -0.57 -6.76 -8.47
C PHE A 250 -0.31 -6.37 -8.51
N PHE A 251 -1.62 -7.05 -9.24
N PHE A 251 -1.37 -6.70 -9.27
CA PHE A 251 -2.84 -7.58 -8.66
CA PHE A 251 -2.57 -7.23 -8.66
C PHE A 251 -2.50 -8.82 -7.81
C PHE A 251 -2.25 -8.47 -7.81
N ARG A 252 -1.75 -9.75 -8.43
N ARG A 252 -1.51 -9.41 -8.43
CA ARG A 252 -1.51 -11.04 -7.81
CA ARG A 252 -1.28 -10.71 -7.81
C ARG A 252 -0.61 -10.93 -6.57
C ARG A 252 -0.37 -10.64 -6.58
N GLU A 253 0.34 -9.98 -6.61
N GLU A 253 0.61 -9.75 -6.63
CA GLU A 253 1.32 -9.87 -5.55
CA GLU A 253 1.60 -9.59 -5.57
C GLU A 253 0.78 -9.00 -4.41
C GLU A 253 1.07 -8.73 -4.43
N GLU A 254 -0.06 -8.01 -4.74
N GLU A 254 0.21 -7.74 -4.74
CA GLU A 254 -0.33 -6.95 -3.77
CA GLU A 254 -0.03 -6.68 -3.75
C GLU A 254 -1.81 -6.72 -3.50
C GLU A 254 -1.50 -6.38 -3.52
N CYS A 255 -2.72 -7.21 -4.35
N CYS A 255 -2.42 -6.95 -4.30
CA CYS A 255 -4.08 -6.73 -4.30
CA CYS A 255 -3.79 -6.47 -4.27
C CYS A 255 -5.09 -7.81 -3.89
C CYS A 255 -4.77 -7.55 -3.83
N GLN A 256 -4.62 -8.74 -3.06
N GLN A 256 -4.29 -8.53 -3.05
CA GLN A 256 -5.48 -9.84 -2.64
CA GLN A 256 -5.18 -9.59 -2.58
C GLN A 256 -6.24 -9.48 -1.35
C GLN A 256 -5.95 -9.20 -1.33
N ASN A 257 -7.53 -9.83 -1.35
N ASN A 257 -7.25 -9.57 -1.30
CA ASN A 257 -8.37 -9.75 -0.17
CA ASN A 257 -8.09 -9.49 -0.11
C ASN A 257 -8.70 -8.31 0.25
C ASN A 257 -8.45 -8.06 0.28
N LEU A 258 -8.73 -7.38 -0.70
N LEU A 258 -8.44 -7.09 -0.66
CA LEU A 258 -9.20 -6.03 -0.42
CA LEU A 258 -8.94 -5.76 -0.38
C LEU A 258 -10.72 -6.05 -0.41
C LEU A 258 -10.46 -5.78 -0.31
N LYS A 259 -11.30 -5.01 0.21
N LYS A 259 -11.01 -4.71 0.28
CA LYS A 259 -12.72 -4.76 0.05
CA LYS A 259 -12.44 -4.48 0.14
C LYS A 259 -12.92 -3.33 -0.43
C LYS A 259 -12.64 -3.05 -0.28
N LEU A 260 -13.44 -3.18 -1.64
N LEU A 260 -13.16 -2.88 -1.51
CA LEU A 260 -13.73 -1.87 -2.23
CA LEU A 260 -13.42 -1.60 -2.13
C LEU A 260 -15.19 -1.52 -1.99
C LEU A 260 -14.88 -1.27 -1.87
N ILE A 261 -15.43 -0.32 -1.46
N ILE A 261 -15.13 -0.08 -1.31
CA ILE A 261 -16.78 0.14 -1.17
CA ILE A 261 -16.48 0.30 -0.94
C ILE A 261 -16.98 1.50 -1.84
C ILE A 261 -16.74 1.65 -1.59
N PRO A 262 -17.13 1.54 -3.18
N PRO A 262 -16.89 1.65 -2.94
CA PRO A 262 -17.31 2.80 -3.90
CA PRO A 262 -17.12 2.90 -3.66
C PRO A 262 -18.71 3.32 -3.60
C PRO A 262 -18.51 3.43 -3.28
N GLU A 263 -18.85 4.63 -3.51
N GLU A 263 -18.63 4.75 -3.24
CA GLU A 263 -20.10 5.24 -3.05
CA GLU A 263 -19.88 5.38 -2.81
C GLU A 263 -20.79 6.00 -4.18
C GLU A 263 -20.54 6.14 -3.94
N ARG A 264 -20.08 6.93 -4.81
N ARG A 264 -19.83 7.07 -4.61
CA ARG A 264 -20.68 7.81 -5.79
CA ARG A 264 -20.47 7.93 -5.60
C ARG A 264 -19.64 8.12 -6.86
C ARG A 264 -19.44 8.36 -6.64
N GLY A 265 -20.12 8.62 -8.00
N GLY A 265 -19.95 8.76 -7.80
CA GLY A 265 -19.21 8.99 -9.07
CA GLY A 265 -19.02 9.15 -8.82
C GLY A 265 -19.79 10.03 -10.01
C GLY A 265 -19.63 10.16 -9.79
N VAL A 266 -18.97 10.39 -11.02
N VAL A 266 -18.85 10.49 -10.80
CA VAL A 266 -19.27 11.39 -12.01
CA VAL A 266 -19.15 11.50 -11.80
C VAL A 266 -18.64 10.91 -13.31
C VAL A 266 -18.48 11.11 -13.13
N THR A 267 -19.29 11.23 -14.42
N THR A 267 -19.21 11.33 -14.24
CA THR A 267 -18.93 10.66 -15.72
CA THR A 267 -18.78 10.79 -15.53
C THR A 267 -18.90 11.80 -16.72
C THR A 267 -18.80 11.89 -16.56
N GLU A 268 -17.77 11.94 -17.45
N GLU A 268 -17.68 12.05 -17.30
CA GLU A 268 -17.62 13.07 -18.35
CA GLU A 268 -17.51 13.19 -18.20
C GLU A 268 -16.90 12.67 -19.64
C GLU A 268 -16.89 12.74 -19.52
N PRO A 269 -16.99 13.51 -20.70
N PRO A 269 -17.25 13.33 -20.67
CA PRO A 269 -16.40 13.17 -21.99
CA PRO A 269 -16.44 13.10 -21.90
C PRO A 269 -14.92 13.51 -21.89
C PRO A 269 -14.99 13.57 -21.78
N ALA A 270 -14.11 12.80 -22.70
N ALA A 270 -14.08 12.90 -22.51
CA ALA A 270 -12.73 13.19 -22.92
CA ALA A 270 -12.69 13.31 -22.63
C ALA A 270 -12.51 13.22 -24.43
C ALA A 270 -12.35 13.43 -24.12
N GLU A 271 -11.31 13.62 -24.87
N GLU A 271 -11.12 13.86 -24.45
CA GLU A 271 -11.05 13.72 -26.30
CA GLU A 271 -10.75 14.03 -25.85
C GLU A 271 -11.20 12.35 -26.94
C GLU A 271 -10.88 12.69 -26.58
N ASP A 272 -11.61 12.34 -28.22
N ASP A 272 -11.34 12.73 -27.84
CA ASP A 272 -12.06 11.13 -28.91
CA ASP A 272 -11.23 11.64 -28.81
C ASP A 272 -13.45 10.75 -28.40
C ASP A 272 -12.12 10.44 -28.49
N GLY A 273 -13.73 9.45 -28.40
N GLY A 273 -13.30 10.70 -27.91
CA GLY A 273 -14.89 8.89 -27.71
CA GLY A 273 -14.29 9.67 -27.65
C GLY A 273 -14.47 8.27 -26.37
C GLY A 273 -14.01 8.91 -26.34
N PHE A 274 -13.37 8.78 -25.82
N PHE A 274 -12.99 9.35 -25.60
CA PHE A 274 -12.88 8.43 -24.49
CA PHE A 274 -12.70 8.82 -24.26
C PHE A 274 -13.74 9.13 -23.44
C PHE A 274 -13.78 9.26 -23.25
N THR A 275 -13.88 8.45 -22.29
N THR A 275 -13.78 8.59 -22.11
CA THR A 275 -14.69 8.89 -21.17
CA THR A 275 -14.62 9.04 -20.99
C THR A 275 -13.85 8.88 -19.88
C THR A 275 -13.76 9.10 -19.73
N GLN A 276 -14.03 9.89 -19.04
N GLN A 276 -13.87 10.19 -18.95
CA GLN A 276 -13.34 9.85 -17.76
CA GLN A 276 -13.21 10.23 -17.64
C GLN A 276 -14.38 9.77 -16.64
C GLN A 276 -14.26 10.09 -16.55
N ILE A 277 -14.08 8.95 -15.64
N ILE A 277 -13.96 9.24 -15.58
CA ILE A 277 -15.03 8.67 -14.57
CA ILE A 277 -14.89 9.01 -14.47
C ILE A 277 -14.31 8.71 -13.24
C ILE A 277 -14.09 9.12 -13.17
N LYS A 278 -14.88 9.46 -12.30
N LYS A 278 -14.65 9.88 -12.22
CA LYS A 278 -14.29 9.50 -10.97
CA LYS A 278 -14.08 9.92 -10.87
C LYS A 278 -15.30 8.91 -10.01
C LYS A 278 -15.06 9.27 -9.90
N VAL A 279 -14.81 8.03 -9.16
N VAL A 279 -14.58 8.36 -9.04
CA VAL A 279 -15.63 7.41 -8.15
CA VAL A 279 -15.38 7.71 -8.01
C VAL A 279 -14.95 7.65 -6.82
C VAL A 279 -14.70 8.03 -6.69
N THR A 280 -15.77 7.93 -5.79
N THR A 280 -15.51 8.31 -5.64
CA THR A 280 -15.17 8.04 -4.47
CA THR A 280 -14.95 8.36 -4.28
C THR A 280 -15.87 7.07 -3.52
C THR A 280 -15.61 7.34 -3.37
N GLY A 281 -15.15 6.72 -2.47
N GLY A 281 -14.87 6.93 -2.35
CA GLY A 281 -15.66 5.73 -1.53
CA GLY A 281 -15.39 5.95 -1.41
C GLY A 281 -14.56 5.34 -0.55
C GLY A 281 -14.31 5.57 -0.42
N LYS A 282 -14.65 4.10 -0.09
N LYS A 282 -14.46 4.36 0.10
CA LYS A 282 -13.70 3.59 0.89
CA LYS A 282 -13.52 3.87 1.10
C LYS A 282 -13.09 2.29 0.40
C LYS A 282 -12.90 2.57 0.67
N VAL A 283 -11.90 1.97 0.90
N VAL A 283 -11.70 2.31 1.19
CA VAL A 283 -11.33 0.65 0.73
CA VAL A 283 -11.05 1.03 1.01
C VAL A 283 -10.85 0.18 2.10
C VAL A 283 -10.57 0.48 2.37
N GLN A 284 -10.90 -1.14 2.29
N GLN A 284 -10.78 -0.83 2.53
CA GLN A 284 -10.37 -1.80 3.48
CA GLN A 284 -10.21 -1.56 3.66
C GLN A 284 -9.28 -2.79 3.07
C GLN A 284 -9.13 -2.52 3.18
N THR A 285 -8.18 -2.84 3.85
N THR A 285 -8.01 -2.50 3.92
CA THR A 285 -7.11 -3.80 3.62
CA THR A 285 -6.93 -3.45 3.70
C THR A 285 -7.28 -4.98 4.58
C THR A 285 -7.14 -4.62 4.66
N PRO A 286 -6.92 -6.22 4.17
N PRO A 286 -6.73 -5.85 4.26
CA PRO A 286 -7.06 -7.39 5.06
CA PRO A 286 -6.89 -7.00 5.15
C PRO A 286 -6.19 -7.24 6.31
C PRO A 286 -6.05 -6.90 6.43
N TRP A 287 -5.26 -6.29 6.28
N TRP A 287 -5.03 -6.04 6.45
CA TRP A 287 -4.43 -6.05 7.44
CA TRP A 287 -4.28 -5.85 7.67
C TRP A 287 -5.24 -5.48 8.60
C TRP A 287 -5.11 -5.23 8.79
N PHE A 288 -6.37 -4.81 8.33
N PHE A 288 -6.18 -4.49 8.46
CA PHE A 288 -7.13 -4.21 9.42
CA PHE A 288 -6.96 -3.80 9.51
C PHE A 288 -8.63 -4.48 9.30
C PHE A 288 -8.45 -4.12 9.43
N GLY A 289 -9.03 -5.19 8.25
N GLY A 289 -8.88 -4.77 8.35
CA GLY A 289 -10.44 -5.48 8.09
CA GLY A 289 -10.30 -5.08 8.21
C GLY A 289 -11.31 -4.22 8.09
C GLY A 289 -11.15 -3.81 8.27
N GLY A 290 -12.44 -4.28 8.80
N GLY A 290 -12.28 -3.91 9.00
CA GLY A 290 -13.35 -3.15 8.85
CA GLY A 290 -13.22 -2.81 9.05
C GLY A 290 -12.97 -2.10 9.89
C GLY A 290 -12.83 -1.71 10.04
N ASN A 291 -11.79 -2.24 10.49
N ASN A 291 -11.70 -1.83 10.74
CA ASN A 291 -11.34 -1.35 11.55
CA ASN A 291 -11.27 -0.84 11.72
C ASN A 291 -10.63 -0.10 10.99
C ASN A 291 -10.65 0.40 11.09
N VAL A 292 -10.36 -0.09 9.68
N VAL A 292 -10.17 0.28 9.83
CA VAL A 292 -9.86 1.11 9.00
CA VAL A 292 -9.63 1.45 9.15
C VAL A 292 -10.54 1.21 7.64
C VAL A 292 -10.31 1.52 7.78
N GLY A 293 -11.16 2.36 7.37
N GLY A 293 -10.99 2.63 7.52
CA GLY A 293 -11.74 2.63 6.07
CA GLY A 293 -11.50 2.86 6.18
C GLY A 293 -11.02 3.78 5.37
C GLY A 293 -10.69 4.00 5.56
N MET A 294 -10.15 3.45 4.41
N MET A 294 -9.92 3.72 4.49
CA MET A 294 -9.39 4.49 3.76
CA MET A 294 -9.18 4.80 3.86
C MET A 294 -10.30 5.21 2.77
C MET A 294 -10.09 5.53 2.90
N ASN A 295 -10.21 6.54 2.77
N ASN A 295 -9.94 6.84 2.85
CA ASN A 295 -10.94 7.40 1.85
CA ASN A 295 -10.74 7.67 1.94
C ASN A 295 -10.21 7.41 0.52
C ASN A 295 -10.03 7.69 0.60
N ILE A 296 -10.89 6.91 -0.53
N ILE A 296 -10.70 7.21 -0.46
CA ILE A 296 -10.24 6.62 -1.80
CA ILE A 296 -10.04 6.94 -1.75
C ILE A 296 -11.01 7.24 -2.94
C ILE A 296 -10.81 7.60 -2.88
N ALA A 297 -10.30 7.73 -3.97
N ALA A 297 -10.08 8.11 -3.90
CA ALA A 297 -10.93 8.07 -5.24
CA ALA A 297 -10.73 8.39 -5.18
C ALA A 297 -10.29 7.17 -6.31
C ALA A 297 -10.11 7.48 -6.25
N TRP A 298 -11.14 6.73 -7.24
N TRP A 298 -10.98 7.06 -7.18
CA TRP A 298 -10.66 6.11 -8.47
CA TRP A 298 -10.50 6.41 -8.38
C TRP A 298 -10.90 7.06 -9.63
C TRP A 298 -10.72 7.41 -9.52
N ARG A 299 -9.89 7.22 -10.50
N ARG A 299 -9.76 7.53 -10.43
CA ARG A 299 -10.02 8.06 -11.67
CA ARG A 299 -9.92 8.39 -11.61
C ARG A 299 -9.74 7.20 -12.88
C ARG A 299 -9.61 7.57 -12.85
N PHE A 300 -10.79 6.98 -13.70
N PHE A 300 -10.67 7.22 -13.60
CA PHE A 300 -10.66 6.12 -14.86
CA PHE A 300 -10.52 6.36 -14.76
C PHE A 300 -10.69 6.92 -16.16
C PHE A 300 -10.58 7.20 -16.03
N LEU A 301 -9.88 6.48 -17.13
N LEU A 301 -9.71 6.86 -17.00
CA LEU A 301 -9.92 6.93 -18.51
CA LEU A 301 -9.82 7.29 -18.38
C LEU A 301 -10.17 5.69 -19.37
C LEU A 301 -10.06 6.06 -19.25
N LEU A 302 -11.33 5.69 -20.05
N LEU A 302 -11.27 5.98 -19.83
CA LEU A 302 -11.77 4.56 -20.87
CA LEU A 302 -11.71 4.83 -20.60
C LEU A 302 -11.79 4.96 -22.33
C LEU A 302 -11.68 5.19 -22.08
N ASN A 303 -11.35 4.04 -23.21
N ASN A 303 -11.23 4.24 -22.89
CA ASN A 303 -11.30 4.33 -24.63
CA ASN A 303 -11.16 4.55 -24.31
C ASN A 303 -12.71 4.22 -25.22
C ASN A 303 -12.58 4.37 -24.88
N PRO A 304 -12.93 4.46 -26.53
N PRO A 304 -12.74 4.61 -26.21
CA PRO A 304 -14.25 4.27 -27.14
CA PRO A 304 -14.07 4.53 -26.82
C PRO A 304 -14.87 2.90 -26.86
C PRO A 304 -14.81 3.21 -26.64
N GLU A 305 -14.05 1.84 -26.83
N GLU A 305 -14.08 2.09 -26.50
CA GLU A 305 -14.58 0.50 -26.63
CA GLU A 305 -14.70 0.78 -26.34
C GLU A 305 -14.94 0.27 -25.17
C GLU A 305 -14.90 0.42 -24.86
N GLY A 306 -14.57 1.21 -24.28
N GLY A 306 -14.49 1.33 -23.97
CA GLY A 306 -14.82 0.99 -22.86
CA GLY A 306 -14.71 1.17 -22.54
C GLY A 306 -13.67 0.25 -22.19
C GLY A 306 -13.56 0.46 -21.82
N LYS A 307 -12.47 0.34 -22.76
N LYS A 307 -12.44 0.22 -22.50
CA LYS A 307 -11.35 -0.33 -22.14
CA LYS A 307 -11.36 -0.38 -21.74
C LYS A 307 -10.63 0.67 -21.24
C LYS A 307 -10.61 0.73 -20.99
N ILE A 308 -10.11 0.16 -20.11
N ILE A 308 -9.91 0.27 -19.94
CA ILE A 308 -9.39 1.06 -19.22
CA ILE A 308 -9.17 1.18 -19.09
C ILE A 308 -8.01 1.29 -19.80
C ILE A 308 -7.84 1.51 -19.76
N PHE A 309 -7.73 2.51 -20.26
N PHE A 309 -7.64 2.76 -20.17
CA PHE A 309 -6.40 2.96 -20.65
CA PHE A 309 -6.36 3.29 -20.59
C PHE A 309 -5.64 3.33 -19.38
C PHE A 309 -5.54 3.75 -19.38
N PHE A 310 -6.34 3.92 -18.40
N PHE A 310 -6.23 4.36 -18.40
CA PHE A 310 -5.67 4.36 -17.19
CA PHE A 310 -5.55 4.79 -17.18
C PHE A 310 -6.65 4.36 -16.04
C PHE A 310 -6.52 4.76 -16.01
N VAL A 311 -6.23 3.81 -14.90
N VAL A 311 -6.04 4.25 -14.88
CA VAL A 311 -6.98 4.04 -13.66
CA VAL A 311 -6.76 4.47 -13.63
C VAL A 311 -6.01 4.42 -12.55
C VAL A 311 -5.77 4.85 -12.54
N ALA A 312 -6.33 5.53 -11.88
N ALA A 312 -6.11 5.95 -11.84
CA ALA A 312 -5.57 6.00 -10.74
CA ALA A 312 -5.34 6.38 -10.67
C ALA A 312 -6.38 5.73 -9.50
C ALA A 312 -6.17 6.13 -9.43
N ILE A 313 -5.68 5.37 -8.43
N ILE A 313 -5.49 5.72 -8.36
CA ILE A 313 -6.27 5.19 -7.12
CA ILE A 313 -6.13 5.50 -7.07
C ILE A 313 -5.56 6.15 -6.18
C ILE A 313 -5.41 6.45 -6.13
N ASP A 314 -6.34 7.10 -5.63
N ASP A 314 -6.22 7.36 -5.54
CA ASP A 314 -5.78 8.16 -4.80
CA ASP A 314 -5.68 8.42 -4.73
C ASP A 314 -6.26 7.99 -3.36
C ASP A 314 -6.17 8.25 -3.29
N LEU A 315 -5.37 8.25 -2.40
N LEU A 315 -5.24 8.42 -2.33
CA LEU A 315 -5.78 8.40 -1.01
CA LEU A 315 -5.65 8.59 -0.93
C LEU A 315 -6.16 9.87 -0.82
C LEU A 315 -5.96 10.07 -0.74
N LEU A 316 -7.36 10.13 -0.27
N LEU A 316 -7.19 10.34 -0.25
CA LEU A 316 -7.91 11.47 -0.24
CA LEU A 316 -7.74 11.69 -0.21
C LEU A 316 -7.50 12.21 1.03
C LEU A 316 -7.34 12.43 1.06
N ALA A 317 -7.26 13.52 0.90
N ALA A 317 -7.11 13.74 0.91
CA ALA A 317 -6.76 14.37 1.98
CA ALA A 317 -6.55 14.57 1.99
C ALA A 317 -7.75 14.36 3.14
C ALA A 317 -7.41 14.54 3.24
N SER A 318 -9.01 14.56 2.83
N SER A 318 -8.71 14.36 3.08
CA SER A 318 -9.95 14.60 3.95
CA SER A 318 -9.58 14.33 4.24
C SER A 318 -11.31 14.13 3.48
C SER A 318 -10.92 13.81 3.75
N PRO A 319 -12.21 13.77 4.42
N PRO A 319 -11.89 13.50 4.65
CA PRO A 319 -13.55 13.36 4.04
CA PRO A 319 -13.21 13.04 4.20
C PRO A 319 -14.30 14.38 3.18
C PRO A 319 -13.93 14.16 3.45
N LYS A 320 -13.70 15.55 2.95
N LYS A 320 -13.44 15.41 3.60
CA LYS A 320 -14.43 16.59 2.24
CA LYS A 320 -14.07 16.56 2.95
C LYS A 320 -14.15 16.51 0.74
C LYS A 320 -13.80 16.52 1.46
N GLU A 321 -13.19 15.66 0.36
N GLU A 321 -12.92 15.58 1.06
CA GLU A 321 -12.92 15.40 -1.05
CA GLU A 321 -12.52 15.41 -0.33
C GLU A 321 -13.83 14.27 -1.51
C GLU A 321 -13.45 14.39 -0.99
N LEU A 322 -14.63 13.74 -0.59
N LEU A 322 -14.28 13.69 -0.18
CA LEU A 322 -15.62 12.73 -0.95
CA LEU A 322 -15.23 12.75 -0.80
C LEU A 322 -16.76 13.42 -1.67
C LEU A 322 -16.34 13.57 -1.47
N LEU A 323 -17.22 12.83 -2.78
N LEU A 323 -16.89 13.07 -2.59
CA LEU A 323 -18.15 13.52 -3.65
CA LEU A 323 -17.80 13.89 -3.40
C LEU A 323 -19.43 13.87 -2.90
C LEU A 323 -19.05 14.24 -2.59
N ASN A 324 -19.57 15.17 -2.59
N ASN A 324 -19.36 15.54 -2.50
CA ASN A 324 -20.77 15.81 -2.05
CA ASN A 324 -20.62 16.01 -1.93
C ASN A 324 -21.09 15.36 -0.63
C ASN A 324 -20.74 15.57 -0.48
N PHE A 325 -20.08 15.24 0.23
N PHE A 325 -19.67 15.74 0.29
CA PHE A 325 -20.30 14.83 1.61
CA PHE A 325 -19.64 15.35 1.69
C PHE A 325 -21.21 15.84 2.32
C PHE A 325 -20.85 15.93 2.43
O01 45D B . 10.96 -0.16 11.95
O01 45D B . 11.02 0.02 11.98
O02 45D B . -8.64 -0.26 -6.94
O02 45D B . -8.47 0.04 -6.94
C03 45D B . 8.47 -2.13 14.64
C03 45D B . 8.62 -2.07 14.64
C04 45D B . -4.93 -0.89 -5.10
C04 45D B . -4.78 -0.68 -5.08
C05 45D B . 9.45 -1.05 15.12
C05 45D B . 9.64 -1.05 15.16
C06 45D B . -5.38 -1.80 -6.25
C06 45D B . -5.26 -1.61 -6.22
C07 45D B . 8.15 -2.04 13.16
C07 45D B . 8.27 -1.95 13.16
C08 45D B . -6.14 -0.43 -4.30
C08 45D B . -5.98 -0.21 -4.26
C09 45D B . 10.64 -0.91 14.17
C09 45D B . 10.80 -0.82 14.18
C10 45D B . -6.41 -1.10 -7.14
C10 45D B . -6.28 -0.90 -7.11
C11 45D B . 7.20 -1.94 15.44
C11 45D B . 7.38 -1.82 15.48
C12 45D B . 9.05 -3.50 14.96
C12 45D B . 9.15 -3.49 14.93
C13 45D B . -4.21 0.32 -5.66
C13 45D B . -4.05 0.55 -5.61
C14 45D B . -3.93 -1.70 -4.27
C14 45D B . -3.74 -1.49 -4.31
C15 45D B . 9.00 -1.43 12.25
C15 45D B . 9.12 -1.32 12.26
C16 45D B . -7.39 -0.28 -4.90
C16 45D B . -7.24 -0.03 -4.86
C17 45D B . 10.22 -0.79 12.73
C17 45D B . 10.33 -0.67 12.76
C18 45D B . -7.56 -0.53 -6.34
C18 45D B . -7.41 -0.27 -6.32
C19 45D B . 6.92 -2.65 12.75
C19 45D B . 7.03 -2.54 12.77
C20 45D B . -6.09 -0.10 -2.90
C20 45D B . -5.92 0.19 -2.88
C21 45D B . 8.77 -1.35 10.76
C21 45D B . 8.93 -1.26 10.77
C22 45D B . -8.63 0.23 -4.18
C22 45D B . -8.45 0.55 -4.16
C23 45D B . 5.96 -2.10 11.93
C23 45D B . 6.06 -2.01 11.97
C24 45D B . -5.26 -0.60 -1.94
C24 45D B . -5.12 -0.33 -1.89
C25 45D B . 4.78 -2.72 11.51
C25 45D B . 4.89 -2.63 11.53
C26 45D B . -5.03 0.06 -0.74
C26 45D B . -4.84 0.31 -0.66
C27 45D B . 4.47 -4.12 11.97
C27 45D B . 4.58 -4.05 12.02
C28 45D B . -5.52 1.46 -0.52
C28 45D B . -5.17 1.75 -0.49
C29 45D B . 3.83 -2.08 10.70
C29 45D B . 3.95 -1.98 10.73
C30 45D B . -4.31 -0.58 0.29
C30 45D B . -4.20 -0.39 0.37
C31 45D B . 2.69 -2.62 10.11
C31 45D B . 2.83 -2.51 10.14
C32 45D B . -3.81 -0.07 1.46
C32 45D B . -3.57 0.12 1.48
C33 45D B . 1.87 -1.90 9.23
C33 45D B . 2.01 -1.74 9.25
C34 45D B . -3.16 -0.86 2.40
C34 45D B . -3.01 -0.70 2.46
C35 45D B . 0.83 -2.37 8.40
C35 45D B . 0.95 -2.21 8.46
C36 45D B . -2.49 -0.41 3.52
C36 45D B . -2.34 -0.25 3.58
C37 45D B . 0.20 -1.57 7.46
C37 45D B . 0.35 -1.37 7.51
C38 45D B . -1.94 -1.32 4.44
C38 45D B . -1.81 -1.15 4.51
C39 45D B . 0.40 -3.82 8.51
C39 45D B . 0.47 -3.66 8.61
C40 45D B . -2.30 1.07 3.74
C40 45D B . -2.13 1.25 3.72
C41 45D B . -0.68 -1.97 6.47
C41 45D B . -0.57 -1.76 6.54
C42 45D B . -1.17 -1.06 5.53
C42 45D B . -1.03 -0.83 5.59
C1 GOL C . -3.05 -9.65 5.84
C1 GOL C . -2.93 -9.49 5.91
O1 GOL C . -4.11 -10.31 5.15
O1 GOL C . -3.92 -10.07 5.07
C2 GOL C . -1.88 -10.58 6.03
C2 GOL C . -1.78 -10.45 6.11
O2 GOL C . -2.35 -11.78 6.65
O2 GOL C . -2.28 -11.59 6.82
C3 GOL C . -1.20 -10.92 4.72
C3 GOL C . -1.14 -10.87 4.80
O3 GOL C . -0.10 -11.81 4.90
O3 GOL C . 0.02 -11.69 5.02
C ACT D . 10.69 2.18 24.91
C ACT D . 10.98 2.66 25.43
O ACT D . 9.45 2.00 24.82
O ACT D . 9.87 2.09 25.55
OXT ACT D . 11.23 3.30 25.10
OXT ACT D . 11.25 3.76 25.95
CH3 ACT D . 11.61 0.95 24.77
CH3 ACT D . 12.06 1.98 24.60
CL CL E . -3.28 -4.86 1.56
CL CL E . -3.08 -4.66 1.66
#